data_7SWT
#
_entry.id   7SWT
#
_cell.length_a   73.348
_cell.length_b   75.859
_cell.length_c   175.791
_cell.angle_alpha   90
_cell.angle_beta   90
_cell.angle_gamma   90
#
_symmetry.space_group_name_H-M   'P 21 21 21'
#
loop_
_entity.id
_entity.type
_entity.pdbx_description
1 polymer 'Chromoprotein eforRED'
2 water water
#
_entity_poly.entity_id   1
_entity_poly.type   'polypeptide(L)'
_entity_poly.pdbx_seq_one_letter_code
;MSVIKQVMKTKLHLEGTVNGHDFTIEGKGEGKPYEGLQHMKMTVTKGAPLPFSVHILTPSH(NRQ)SKPFNKYPADIPDY
HKQSFPEGMSWERSMIFEDGGVCTASNHSSINLQENCFIYDVKFHGVNLPPDGPVMQKTIAGWEPSVETLYVRDGMLKSD
TAMVFKLKGGGHHRVDFKTTYKAKKPVKLPEFHFVEHRLELTKHDKDFTTWDQQEAAEGHFSPLPKALP
;
_entity_poly.pdbx_strand_id   A,B,C,D
#
# COMPACT_ATOMS: atom_id res chain seq x y z
N SER A 2 -36.42 -16.24 -16.50
CA SER A 2 -35.56 -15.35 -15.72
C SER A 2 -35.72 -13.91 -16.23
N VAL A 3 -35.38 -12.95 -15.34
CA VAL A 3 -35.37 -11.53 -15.67
C VAL A 3 -34.16 -11.19 -16.59
N ILE A 4 -33.07 -12.00 -16.52
CA ILE A 4 -31.89 -11.82 -17.35
C ILE A 4 -32.04 -12.66 -18.64
N LYS A 5 -32.23 -11.97 -19.78
CA LYS A 5 -32.45 -12.58 -21.08
C LYS A 5 -31.14 -12.95 -21.80
N GLN A 6 -31.23 -13.72 -22.90
CA GLN A 6 -30.04 -14.11 -23.66
C GLN A 6 -29.33 -12.87 -24.25
N VAL A 7 -30.08 -11.79 -24.58
CA VAL A 7 -29.54 -10.52 -25.07
C VAL A 7 -30.14 -9.43 -24.17
N MET A 8 -29.31 -8.51 -23.67
CA MET A 8 -29.74 -7.43 -22.79
C MET A 8 -29.07 -6.13 -23.22
N LYS A 9 -29.75 -5.02 -22.99
CA LYS A 9 -29.23 -3.69 -23.25
C LYS A 9 -28.64 -3.13 -21.94
N THR A 10 -27.77 -2.10 -22.08
CA THR A 10 -27.16 -1.40 -20.95
C THR A 10 -27.28 0.12 -21.18
N LYS A 11 -27.43 0.88 -20.09
CA LYS A 11 -27.50 2.35 -20.11
C LYS A 11 -26.68 2.81 -18.91
N LEU A 12 -25.75 3.73 -19.11
CA LEU A 12 -24.86 4.19 -18.06
C LEU A 12 -24.83 5.68 -17.96
N HIS A 13 -24.68 6.18 -16.73
CA HIS A 13 -24.47 7.58 -16.45
C HIS A 13 -23.32 7.67 -15.45
N LEU A 14 -22.22 8.35 -15.79
CA LEU A 14 -21.08 8.47 -14.89
C LEU A 14 -20.75 9.94 -14.62
N GLU A 15 -20.52 10.31 -13.37
CA GLU A 15 -20.08 11.65 -13.01
C GLU A 15 -18.68 11.48 -12.38
N GLY A 16 -17.68 12.18 -12.90
CA GLY A 16 -16.33 12.04 -12.38
C GLY A 16 -15.60 13.35 -12.15
N THR A 17 -14.52 13.27 -11.38
CA THR A 17 -13.61 14.36 -11.11
C THR A 17 -12.22 13.74 -11.07
N VAL A 18 -11.36 14.02 -12.07
CA VAL A 18 -10.00 13.46 -12.16
C VAL A 18 -9.05 14.64 -12.28
N ASN A 19 -8.04 14.77 -11.40
CA ASN A 19 -7.11 15.90 -11.46
C ASN A 19 -7.85 17.25 -11.35
N GLY A 20 -8.90 17.29 -10.55
CA GLY A 20 -9.72 18.47 -10.36
C GLY A 20 -10.54 18.84 -11.58
N HIS A 21 -10.66 17.94 -12.57
CA HIS A 21 -11.41 18.20 -13.79
C HIS A 21 -12.72 17.43 -13.73
N ASP A 22 -13.88 18.13 -13.76
CA ASP A 22 -15.20 17.50 -13.71
C ASP A 22 -15.65 17.04 -15.09
N PHE A 23 -16.40 15.95 -15.15
CA PHE A 23 -16.88 15.43 -16.43
C PHE A 23 -18.05 14.44 -16.23
N THR A 24 -18.83 14.22 -17.29
CA THR A 24 -19.92 13.26 -17.27
C THR A 24 -19.80 12.43 -18.54
N ILE A 25 -20.05 11.14 -18.38
CA ILE A 25 -20.06 10.20 -19.48
C ILE A 25 -21.44 9.55 -19.51
N GLU A 26 -21.89 9.29 -20.71
CA GLU A 26 -23.16 8.63 -20.96
C GLU A 26 -22.85 7.42 -21.87
N GLY A 27 -23.30 6.24 -21.46
CA GLY A 27 -23.08 5.02 -22.23
C GLY A 27 -24.37 4.34 -22.62
N LYS A 28 -24.35 3.62 -23.75
CA LYS A 28 -25.48 2.85 -24.27
C LYS A 28 -24.90 1.63 -24.94
N GLY A 29 -25.27 0.43 -24.49
CA GLY A 29 -24.71 -0.79 -25.05
C GLY A 29 -25.61 -1.99 -25.07
N GLU A 30 -24.99 -3.14 -25.31
CA GLU A 30 -25.70 -4.40 -25.43
C GLU A 30 -24.73 -5.56 -25.22
N GLY A 31 -25.27 -6.71 -24.82
CA GLY A 31 -24.47 -7.90 -24.66
C GLY A 31 -25.28 -9.15 -24.47
N LYS A 32 -24.58 -10.28 -24.39
CA LYS A 32 -25.16 -11.61 -24.18
C LYS A 32 -24.75 -12.01 -22.76
N PRO A 33 -25.61 -11.82 -21.75
CA PRO A 33 -25.18 -12.08 -20.36
C PRO A 33 -24.63 -13.47 -20.04
N TYR A 34 -25.20 -14.52 -20.64
CA TYR A 34 -24.74 -15.88 -20.41
C TYR A 34 -23.44 -16.24 -21.19
N GLU A 35 -23.12 -15.47 -22.25
CA GLU A 35 -21.87 -15.67 -23.01
C GLU A 35 -20.68 -14.84 -22.49
N GLY A 36 -20.93 -13.89 -21.58
CA GLY A 36 -19.88 -13.06 -21.03
C GLY A 36 -19.34 -12.04 -22.02
N LEU A 37 -20.17 -11.60 -22.96
CA LEU A 37 -19.77 -10.64 -24.00
C LEU A 37 -20.66 -9.41 -23.93
N GLN A 38 -20.06 -8.23 -24.11
CA GLN A 38 -20.82 -6.95 -24.15
C GLN A 38 -19.99 -5.85 -24.80
N HIS A 39 -20.63 -4.73 -25.12
CA HIS A 39 -20.01 -3.57 -25.81
C HIS A 39 -20.80 -2.34 -25.39
N MET A 40 -20.18 -1.18 -25.23
CA MET A 40 -20.90 0.06 -24.88
C MET A 40 -20.29 1.23 -25.64
N LYS A 41 -21.11 2.12 -26.17
CA LYS A 41 -20.68 3.34 -26.86
C LYS A 41 -20.70 4.43 -25.80
N MET A 42 -19.56 5.01 -25.49
CA MET A 42 -19.40 6.07 -24.49
C MET A 42 -19.40 7.45 -25.15
N THR A 43 -19.91 8.47 -24.45
CA THR A 43 -19.95 9.85 -24.93
C THR A 43 -19.70 10.77 -23.73
N VAL A 44 -18.66 11.60 -23.81
CA VAL A 44 -18.31 12.56 -22.78
C VAL A 44 -19.26 13.74 -23.01
N THR A 45 -20.36 13.80 -22.27
CA THR A 45 -21.38 14.83 -22.41
C THR A 45 -20.99 16.17 -21.74
N LYS A 46 -20.05 16.14 -20.77
CA LYS A 46 -19.55 17.33 -20.10
C LYS A 46 -18.07 17.14 -19.82
N GLY A 47 -17.30 18.22 -19.88
CA GLY A 47 -15.87 18.19 -19.60
C GLY A 47 -15.00 17.69 -20.74
N ALA A 48 -15.56 17.51 -21.94
CA ALA A 48 -14.77 17.08 -23.09
C ALA A 48 -13.98 18.29 -23.63
N PRO A 49 -12.76 18.10 -24.17
CA PRO A 49 -11.98 16.85 -24.26
C PRO A 49 -11.33 16.56 -22.91
N LEU A 50 -11.25 15.28 -22.52
CA LEU A 50 -10.68 14.93 -21.22
C LEU A 50 -9.16 15.09 -21.19
N PRO A 51 -8.61 15.77 -20.16
CA PRO A 51 -7.14 15.98 -20.12
C PRO A 51 -6.31 14.79 -19.62
N PHE A 52 -6.91 13.60 -19.50
CA PHE A 52 -6.22 12.41 -19.01
C PHE A 52 -6.56 11.19 -19.90
N SER A 53 -5.82 10.09 -19.75
CA SER A 53 -6.05 8.86 -20.50
C SER A 53 -7.43 8.30 -20.12
N VAL A 54 -8.33 8.12 -21.11
CA VAL A 54 -9.65 7.57 -20.84
C VAL A 54 -9.59 6.09 -20.40
N HIS A 55 -8.44 5.40 -20.57
CA HIS A 55 -8.32 4.00 -20.16
C HIS A 55 -8.54 3.82 -18.68
N ILE A 56 -8.24 4.86 -17.86
CA ILE A 56 -8.47 4.74 -16.43
C ILE A 56 -9.97 4.55 -16.12
N LEU A 57 -10.87 5.02 -17.01
CA LEU A 57 -12.33 4.93 -16.85
C LEU A 57 -12.97 3.68 -17.46
N THR A 58 -12.38 3.05 -18.47
CA THR A 58 -13.00 1.93 -19.23
C THR A 58 -13.43 0.75 -18.32
N PRO A 59 -12.70 0.34 -17.26
CA PRO A 59 -13.18 -0.75 -16.40
C PRO A 59 -14.31 -0.32 -15.43
N SER A 60 -14.73 0.94 -15.45
CA SER A 60 -15.83 1.47 -14.58
C SER A 60 -17.14 1.41 -15.36
N HIS A 61 -17.06 1.13 -16.65
CA HIS A 61 -18.24 1.00 -17.55
C HIS A 61 -18.48 -0.48 -17.81
N1 NRQ A 62 -17.45 -1.19 -17.60
CE NRQ A 62 -18.73 -2.29 -22.21
SD NRQ A 62 -17.38 -3.27 -21.61
CG1 NRQ A 62 -17.06 -2.46 -20.04
CB1 NRQ A 62 -17.65 -3.20 -18.86
CA1 NRQ A 62 -17.35 -2.45 -17.59
C1 NRQ A 62 -16.86 -3.12 -16.39
N2 NRQ A 62 -15.79 -3.91 -16.50
OH NRQ A 62 -9.61 -6.44 -17.16
CD2 NRQ A 62 -12.81 -4.82 -16.56
CE2 NRQ A 62 -11.59 -5.14 -17.14
CZ NRQ A 62 -10.73 -6.03 -16.51
CE1 NRQ A 62 -11.07 -6.54 -15.27
CD1 NRQ A 62 -12.28 -6.20 -14.69
CG2 NRQ A 62 -13.19 -5.35 -15.33
CB2 NRQ A 62 -14.50 -5.10 -14.75
CA2 NRQ A 62 -15.52 -4.33 -15.20
C2 NRQ A 62 -16.53 -3.75 -14.27
O2 NRQ A 62 -16.67 -3.88 -13.07
N3 NRQ A 62 -17.31 -3.00 -15.10
CA3 NRQ A 62 -18.37 -2.13 -14.61
C3 NRQ A 62 -19.79 -2.59 -14.88
O3 NRQ A 62 -20.70 -2.00 -14.38
HE1A NRQ A 62 -19.32 -1.85 -21.41
HE2A NRQ A 62 -18.40 -1.49 -22.87
HE3 NRQ A 62 -19.39 -2.95 -22.79
HG11 NRQ A 62 -15.98 -2.37 -19.92
HG12 NRQ A 62 -17.43 -1.44 -20.09
HB11 NRQ A 62 -18.72 -3.28 -19.00
HB12 NRQ A 62 -17.23 -4.21 -18.81
HOH NRQ A 62 -8.85 -5.90 -16.83
HD2 NRQ A 62 -13.44 -4.13 -17.11
HE2 NRQ A 62 -11.29 -4.66 -18.07
HE1 NRQ A 62 -10.38 -7.22 -14.75
HD1 NRQ A 62 -12.52 -6.63 -13.71
HB2 NRQ A 62 -14.70 -5.62 -13.82
HA31 NRQ A 62 -18.26 -1.93 -13.54
HA32 NRQ A 62 -18.24 -1.14 -15.05
N SER A 63 -19.95 -3.61 -15.72
CA SER A 63 -21.27 -4.13 -16.17
C SER A 63 -21.30 -5.61 -15.79
N LYS A 64 -21.56 -5.89 -14.52
CA LYS A 64 -21.37 -7.24 -13.93
C LYS A 64 -22.40 -8.30 -14.32
N PRO A 65 -23.61 -8.01 -14.85
CA PRO A 65 -24.51 -9.09 -15.29
C PRO A 65 -24.00 -9.86 -16.53
N PHE A 66 -22.86 -9.44 -17.15
CA PHE A 66 -22.29 -10.05 -18.35
C PHE A 66 -21.02 -10.89 -18.12
N ASN A 67 -21.11 -11.86 -17.22
CA ASN A 67 -20.03 -12.79 -16.90
C ASN A 67 -20.51 -14.19 -17.29
N LYS A 68 -19.71 -14.94 -18.03
CA LYS A 68 -20.03 -16.32 -18.36
C LYS A 68 -19.56 -17.14 -17.16
N TYR A 69 -20.43 -18.02 -16.61
CA TYR A 69 -20.06 -18.85 -15.45
C TYR A 69 -20.51 -20.27 -15.67
N PRO A 70 -19.74 -21.29 -15.21
CA PRO A 70 -20.26 -22.67 -15.31
C PRO A 70 -21.40 -22.92 -14.31
N ALA A 71 -22.12 -24.01 -14.48
CA ALA A 71 -23.25 -24.33 -13.61
C ALA A 71 -22.86 -24.48 -12.13
N ASP A 72 -21.62 -24.95 -11.84
CA ASP A 72 -21.16 -25.17 -10.47
C ASP A 72 -20.56 -23.92 -9.78
N ILE A 73 -20.64 -22.73 -10.41
CA ILE A 73 -20.22 -21.48 -9.77
C ILE A 73 -21.43 -20.56 -9.81
N PRO A 74 -22.09 -20.30 -8.67
CA PRO A 74 -23.24 -19.38 -8.69
C PRO A 74 -22.82 -17.98 -9.19
N ASP A 75 -23.63 -17.39 -10.08
CA ASP A 75 -23.35 -16.07 -10.62
C ASP A 75 -23.88 -15.06 -9.61
N TYR A 76 -22.98 -14.46 -8.83
CA TYR A 76 -23.37 -13.51 -7.78
C TYR A 76 -24.13 -12.30 -8.33
N HIS A 77 -23.70 -11.82 -9.50
CA HIS A 77 -24.21 -10.60 -10.13
C HIS A 77 -25.59 -10.80 -10.74
N LYS A 78 -25.77 -11.88 -11.52
CA LYS A 78 -27.07 -12.17 -12.13
C LYS A 78 -28.12 -12.41 -11.06
N GLN A 79 -27.78 -13.15 -9.98
CA GLN A 79 -28.73 -13.45 -8.91
C GLN A 79 -29.26 -12.22 -8.19
N SER A 80 -28.48 -11.12 -8.18
CA SER A 80 -28.89 -9.93 -7.48
C SER A 80 -30.03 -9.18 -8.15
N PHE A 81 -30.41 -9.51 -9.40
CA PHE A 81 -31.50 -8.83 -10.10
C PHE A 81 -32.84 -9.58 -9.89
N PRO A 82 -34.00 -8.90 -9.88
CA PRO A 82 -34.23 -7.49 -10.20
C PRO A 82 -33.93 -6.47 -9.11
N GLU A 83 -33.67 -6.89 -7.85
CA GLU A 83 -33.39 -5.97 -6.74
C GLU A 83 -32.21 -5.05 -7.03
N GLY A 84 -31.19 -5.62 -7.67
CA GLY A 84 -30.01 -4.89 -8.11
C GLY A 84 -28.78 -5.15 -7.26
N MET A 85 -27.72 -4.45 -7.59
CA MET A 85 -26.46 -4.56 -6.87
C MET A 85 -25.71 -3.23 -6.98
N SER A 86 -24.57 -3.18 -6.32
CA SER A 86 -23.68 -2.06 -6.38
C SER A 86 -22.25 -2.60 -6.29
N TRP A 87 -21.31 -1.80 -6.78
CA TRP A 87 -19.89 -2.18 -6.64
C TRP A 87 -19.10 -0.96 -6.19
N GLU A 88 -18.01 -1.17 -5.51
CA GLU A 88 -17.08 -0.14 -5.06
C GLU A 88 -15.67 -0.61 -5.41
N ARG A 89 -14.79 0.33 -5.72
CA ARG A 89 -13.43 -0.05 -6.14
C ARG A 89 -12.37 1.00 -5.85
N SER A 90 -11.19 0.57 -5.47
CA SER A 90 -10.02 1.44 -5.36
C SER A 90 -9.02 0.95 -6.43
N MET A 91 -8.33 1.90 -7.08
CA MET A 91 -7.32 1.62 -8.09
C MET A 91 -6.06 2.35 -7.67
N ILE A 92 -5.05 1.59 -7.22
CA ILE A 92 -3.78 2.16 -6.78
C ILE A 92 -2.75 1.97 -7.89
N PHE A 93 -2.24 3.07 -8.41
CA PHE A 93 -1.24 3.06 -9.47
C PHE A 93 0.16 2.91 -8.88
N GLU A 94 1.15 2.56 -9.70
CA GLU A 94 2.55 2.43 -9.25
C GLU A 94 3.19 3.73 -8.82
N ASP A 95 2.65 4.87 -9.27
CA ASP A 95 3.26 6.18 -9.07
C ASP A 95 2.51 7.10 -8.08
N GLY A 96 1.71 6.52 -7.19
CA GLY A 96 1.00 7.30 -6.20
C GLY A 96 -0.40 7.71 -6.57
N GLY A 97 -0.75 7.64 -7.85
CA GLY A 97 -2.09 7.97 -8.30
C GLY A 97 -3.11 7.03 -7.70
N VAL A 98 -4.29 7.57 -7.30
CA VAL A 98 -5.38 6.78 -6.72
C VAL A 98 -6.69 7.18 -7.38
N CYS A 99 -7.43 6.19 -7.89
CA CYS A 99 -8.80 6.41 -8.39
C CYS A 99 -9.74 5.57 -7.57
N THR A 100 -10.92 6.10 -7.28
CA THR A 100 -11.98 5.37 -6.60
C THR A 100 -13.21 5.44 -7.52
N ALA A 101 -13.90 4.33 -7.65
CA ALA A 101 -15.09 4.22 -8.51
C ALA A 101 -16.16 3.44 -7.75
N SER A 102 -17.43 3.83 -7.91
CA SER A 102 -18.55 3.11 -7.30
C SER A 102 -19.76 3.19 -8.20
N ASN A 103 -20.58 2.12 -8.16
CA ASN A 103 -21.73 1.97 -9.06
C ASN A 103 -22.95 1.47 -8.32
N HIS A 104 -24.11 1.74 -8.92
CA HIS A 104 -25.41 1.26 -8.52
C HIS A 104 -25.98 0.66 -9.79
N SER A 105 -26.28 -0.66 -9.80
CA SER A 105 -26.83 -1.35 -10.96
C SER A 105 -28.27 -1.73 -10.66
N SER A 106 -29.18 -1.33 -11.53
CA SER A 106 -30.59 -1.68 -11.40
C SER A 106 -31.09 -2.20 -12.78
N ILE A 107 -32.37 -2.54 -12.90
CA ILE A 107 -32.91 -3.05 -14.15
C ILE A 107 -34.23 -2.37 -14.50
N ASN A 108 -34.45 -2.15 -15.80
CA ASN A 108 -35.69 -1.62 -16.33
C ASN A 108 -36.28 -2.84 -17.06
N LEU A 109 -37.10 -3.62 -16.36
CA LEU A 109 -37.68 -4.85 -16.91
C LEU A 109 -38.41 -4.66 -18.25
N GLN A 110 -39.11 -3.54 -18.44
CA GLN A 110 -39.82 -3.32 -19.71
C GLN A 110 -38.82 -3.08 -20.86
N GLU A 111 -37.75 -2.33 -20.59
CA GLU A 111 -36.74 -2.03 -21.63
C GLU A 111 -35.68 -3.14 -21.77
N ASN A 112 -35.67 -4.18 -20.87
CA ASN A 112 -34.64 -5.25 -20.80
C ASN A 112 -33.25 -4.61 -20.84
N CYS A 113 -33.10 -3.60 -20.00
CA CYS A 113 -31.92 -2.77 -19.94
C CYS A 113 -31.45 -2.60 -18.53
N PHE A 114 -30.14 -2.80 -18.28
CA PHE A 114 -29.53 -2.57 -16.96
C PHE A 114 -29.21 -1.11 -16.89
N ILE A 115 -29.47 -0.48 -15.74
CA ILE A 115 -29.17 0.94 -15.53
C ILE A 115 -27.96 1.04 -14.58
N TYR A 116 -26.92 1.75 -14.99
CA TYR A 116 -25.70 1.92 -14.19
C TYR A 116 -25.51 3.36 -13.89
N ASP A 117 -25.30 3.70 -12.63
CA ASP A 117 -25.02 5.07 -12.21
C ASP A 117 -23.65 4.98 -11.54
N VAL A 118 -22.65 5.71 -12.08
CA VAL A 118 -21.25 5.59 -11.63
C VAL A 118 -20.66 6.91 -11.14
N LYS A 119 -19.81 6.81 -10.13
CA LYS A 119 -19.04 7.92 -9.57
C LYS A 119 -17.58 7.57 -9.76
N PHE A 120 -16.77 8.54 -10.21
CA PHE A 120 -15.34 8.31 -10.43
C PHE A 120 -14.54 9.49 -9.86
N HIS A 121 -13.45 9.19 -9.12
CA HIS A 121 -12.63 10.23 -8.56
C HIS A 121 -11.15 9.85 -8.73
N GLY A 122 -10.36 10.73 -9.34
CA GLY A 122 -8.94 10.52 -9.56
C GLY A 122 -8.13 11.61 -8.88
N VAL A 123 -7.16 11.22 -8.03
CA VAL A 123 -6.32 12.16 -7.28
C VAL A 123 -4.84 11.82 -7.38
N ASN A 124 -3.99 12.83 -7.16
CA ASN A 124 -2.53 12.72 -7.13
C ASN A 124 -1.91 11.99 -8.32
N LEU A 125 -2.48 12.15 -9.52
CA LEU A 125 -1.92 11.57 -10.74
C LEU A 125 -0.72 12.42 -11.10
N PRO A 126 0.53 11.91 -11.06
CA PRO A 126 1.69 12.78 -11.42
C PRO A 126 1.53 13.49 -12.78
N PRO A 127 1.83 14.79 -12.90
CA PRO A 127 1.66 15.49 -14.19
C PRO A 127 2.42 14.88 -15.37
N ASP A 128 3.58 14.25 -15.11
CA ASP A 128 4.35 13.59 -16.15
C ASP A 128 4.14 12.05 -16.18
N GLY A 129 3.15 11.52 -15.45
CA GLY A 129 2.83 10.10 -15.42
C GLY A 129 2.04 9.66 -16.64
N PRO A 130 1.93 8.35 -16.91
CA PRO A 130 1.21 7.89 -18.12
C PRO A 130 -0.27 8.28 -18.25
N VAL A 131 -0.97 8.55 -17.15
CA VAL A 131 -2.39 8.93 -17.21
C VAL A 131 -2.52 10.38 -17.74
N MET A 132 -1.82 11.34 -17.12
CA MET A 132 -1.89 12.74 -17.55
C MET A 132 -1.18 12.97 -18.88
N GLN A 133 -0.08 12.22 -19.15
CA GLN A 133 0.62 12.33 -20.43
C GLN A 133 -0.08 11.55 -21.54
N LYS A 134 -1.15 10.77 -21.26
CA LYS A 134 -1.88 10.03 -22.27
C LYS A 134 -0.97 9.08 -23.07
N THR A 135 -0.02 8.41 -22.39
CA THR A 135 0.87 7.45 -23.03
C THR A 135 0.39 5.99 -22.78
N ILE A 136 -0.90 5.78 -22.42
CA ILE A 136 -1.42 4.43 -22.20
C ILE A 136 -2.02 3.96 -23.53
N ALA A 137 -1.60 2.80 -24.02
CA ALA A 137 -2.11 2.24 -25.26
C ALA A 137 -3.41 1.46 -25.06
N GLY A 138 -3.62 0.93 -23.84
CA GLY A 138 -4.80 0.16 -23.48
C GLY A 138 -4.48 -0.83 -22.38
N TRP A 139 -5.50 -1.59 -21.94
CA TRP A 139 -5.32 -2.61 -20.91
C TRP A 139 -4.90 -3.93 -21.53
N GLU A 140 -4.09 -4.69 -20.80
CA GLU A 140 -3.80 -6.06 -21.16
C GLU A 140 -5.00 -6.91 -20.69
N PRO A 141 -5.23 -8.16 -21.18
CA PRO A 141 -6.23 -9.02 -20.51
C PRO A 141 -5.80 -9.24 -19.04
N SER A 142 -6.74 -9.60 -18.19
CA SER A 142 -6.48 -9.76 -16.73
C SER A 142 -7.18 -11.00 -16.17
N VAL A 143 -6.76 -11.42 -14.99
CA VAL A 143 -7.42 -12.50 -14.28
C VAL A 143 -7.70 -11.93 -12.91
N GLU A 144 -8.98 -11.93 -12.55
CA GLU A 144 -9.49 -11.44 -11.29
C GLU A 144 -9.70 -12.61 -10.36
N THR A 145 -9.46 -12.41 -9.08
CA THR A 145 -9.60 -13.44 -8.06
C THR A 145 -10.70 -12.98 -7.16
N LEU A 146 -11.77 -13.80 -7.01
CA LEU A 146 -12.94 -13.47 -6.19
C LEU A 146 -13.20 -14.45 -5.03
N TYR A 147 -13.64 -13.91 -3.88
CA TYR A 147 -14.00 -14.66 -2.68
C TYR A 147 -14.98 -13.85 -1.83
N VAL A 148 -15.82 -14.54 -1.02
CA VAL A 148 -16.78 -13.84 -0.18
C VAL A 148 -16.13 -13.28 1.12
N ARG A 149 -16.64 -12.12 1.55
CA ARG A 149 -16.23 -11.43 2.78
C ARG A 149 -17.49 -10.73 3.30
N ASP A 150 -17.99 -11.11 4.47
CA ASP A 150 -19.19 -10.48 5.06
C ASP A 150 -20.44 -10.57 4.17
N GLY A 151 -20.61 -11.69 3.48
CA GLY A 151 -21.76 -11.87 2.60
C GLY A 151 -21.70 -11.11 1.28
N MET A 152 -20.60 -10.38 1.03
CA MET A 152 -20.35 -9.61 -0.20
C MET A 152 -19.31 -10.34 -1.02
N LEU A 153 -19.11 -9.98 -2.30
CA LEU A 153 -18.10 -10.64 -3.14
C LEU A 153 -16.89 -9.76 -3.36
N LYS A 154 -15.76 -10.07 -2.71
CA LYS A 154 -14.53 -9.26 -2.87
C LYS A 154 -13.63 -9.75 -4.01
N SER A 155 -12.83 -8.84 -4.60
CA SER A 155 -11.93 -9.22 -5.66
C SER A 155 -10.65 -8.42 -5.70
N ASP A 156 -9.62 -9.05 -6.28
CA ASP A 156 -8.29 -8.49 -6.47
C ASP A 156 -7.85 -8.75 -7.90
N THR A 157 -7.40 -7.72 -8.61
CA THR A 157 -6.92 -7.84 -10.00
C THR A 157 -5.74 -6.92 -10.21
N ALA A 158 -4.61 -7.45 -10.64
CA ALA A 158 -3.47 -6.64 -10.99
C ALA A 158 -3.83 -6.26 -12.40
N MET A 159 -4.39 -5.08 -12.59
CA MET A 159 -4.81 -4.61 -13.91
C MET A 159 -3.62 -3.89 -14.56
N VAL A 160 -2.98 -4.49 -15.53
CA VAL A 160 -1.78 -3.95 -16.11
C VAL A 160 -2.08 -3.31 -17.47
N PHE A 161 -1.68 -2.05 -17.65
CA PHE A 161 -1.85 -1.39 -18.93
C PHE A 161 -0.53 -1.32 -19.73
N LYS A 162 -0.66 -1.37 -21.07
CA LYS A 162 0.46 -1.32 -22.00
C LYS A 162 0.78 0.16 -22.27
N LEU A 163 2.04 0.54 -22.22
CA LEU A 163 2.45 1.90 -22.52
C LEU A 163 2.74 2.00 -24.03
N LYS A 164 2.46 3.17 -24.64
CA LYS A 164 2.80 3.41 -26.05
C LYS A 164 4.34 3.48 -26.07
N GLY A 165 4.95 2.65 -26.90
CA GLY A 165 6.40 2.50 -26.93
C GLY A 165 6.91 1.30 -26.15
N GLY A 166 6.00 0.51 -25.58
CA GLY A 166 6.36 -0.70 -24.86
C GLY A 166 6.49 -0.46 -23.37
N GLY A 167 6.44 -1.54 -22.64
CA GLY A 167 6.49 -1.50 -21.19
C GLY A 167 5.10 -1.56 -20.63
N HIS A 168 5.02 -1.82 -19.32
CA HIS A 168 3.77 -1.99 -18.61
C HIS A 168 3.73 -1.19 -17.31
N HIS A 169 2.53 -0.99 -16.81
CA HIS A 169 2.31 -0.27 -15.58
C HIS A 169 1.12 -0.93 -14.88
N ARG A 170 1.33 -1.37 -13.65
CA ARG A 170 0.33 -2.09 -12.88
C ARG A 170 -0.54 -1.15 -12.04
N VAL A 171 -1.86 -1.44 -12.02
CA VAL A 171 -2.85 -0.75 -11.22
C VAL A 171 -3.53 -1.85 -10.35
N ASP A 172 -3.36 -1.77 -9.00
CA ASP A 172 -4.01 -2.72 -8.10
C ASP A 172 -5.48 -2.33 -7.91
N PHE A 173 -6.39 -3.18 -8.37
CA PHE A 173 -7.82 -2.96 -8.20
C PHE A 173 -8.29 -3.83 -7.02
N LYS A 174 -8.93 -3.21 -5.99
CA LYS A 174 -9.60 -3.92 -4.90
C LYS A 174 -11.08 -3.58 -5.09
N THR A 175 -11.93 -4.56 -5.42
CA THR A 175 -13.33 -4.30 -5.69
C THR A 175 -14.21 -5.11 -4.72
N THR A 176 -15.40 -4.56 -4.39
CA THR A 176 -16.41 -5.25 -3.59
C THR A 176 -17.71 -5.16 -4.35
N TYR A 177 -18.30 -6.31 -4.69
CA TYR A 177 -19.63 -6.34 -5.31
C TYR A 177 -20.62 -6.60 -4.16
N LYS A 178 -21.72 -5.85 -4.13
CA LYS A 178 -22.71 -5.85 -3.07
C LYS A 178 -24.13 -6.03 -3.61
N ALA A 179 -24.66 -7.25 -3.53
CA ALA A 179 -26.02 -7.54 -3.92
C ALA A 179 -26.97 -6.86 -2.91
N LYS A 180 -28.10 -6.29 -3.37
CA LYS A 180 -29.05 -5.63 -2.46
C LYS A 180 -29.82 -6.65 -1.59
N LYS A 181 -30.02 -7.87 -2.08
CA LYS A 181 -30.67 -8.93 -1.29
C LYS A 181 -29.72 -10.15 -1.24
N PRO A 182 -29.84 -11.04 -0.22
CA PRO A 182 -28.96 -12.22 -0.19
C PRO A 182 -29.13 -13.15 -1.41
N VAL A 183 -28.02 -13.68 -1.90
CA VAL A 183 -27.95 -14.58 -3.05
C VAL A 183 -27.11 -15.81 -2.66
N LYS A 184 -27.13 -16.86 -3.49
CA LYS A 184 -26.29 -18.04 -3.26
C LYS A 184 -24.85 -17.60 -3.52
N LEU A 185 -24.03 -17.60 -2.48
CA LEU A 185 -22.66 -17.11 -2.58
C LEU A 185 -21.77 -18.13 -3.25
N PRO A 186 -20.82 -17.71 -4.12
CA PRO A 186 -19.93 -18.69 -4.75
C PRO A 186 -18.69 -18.97 -3.90
N GLU A 187 -18.04 -20.10 -4.16
CA GLU A 187 -16.78 -20.41 -3.53
C GLU A 187 -15.69 -19.60 -4.27
N PHE A 188 -14.46 -19.55 -3.70
CA PHE A 188 -13.30 -18.86 -4.28
C PHE A 188 -13.11 -19.26 -5.76
N HIS A 189 -12.97 -18.28 -6.68
CA HIS A 189 -12.80 -18.58 -8.11
C HIS A 189 -12.14 -17.39 -8.85
N PHE A 190 -11.89 -17.56 -10.15
CA PHE A 190 -11.26 -16.57 -10.99
C PHE A 190 -12.18 -16.10 -12.09
N VAL A 191 -11.93 -14.91 -12.65
CA VAL A 191 -12.66 -14.41 -13.79
C VAL A 191 -11.64 -13.86 -14.78
N GLU A 192 -11.61 -14.41 -16.00
CA GLU A 192 -10.77 -13.93 -17.09
C GLU A 192 -11.46 -12.66 -17.62
N HIS A 193 -10.71 -11.59 -17.87
CA HIS A 193 -11.26 -10.36 -18.47
C HIS A 193 -10.42 -9.89 -19.66
N ARG A 194 -11.05 -9.41 -20.73
CA ARG A 194 -10.34 -8.79 -21.85
C ARG A 194 -11.18 -7.59 -22.29
N LEU A 195 -10.79 -6.42 -21.78
CA LEU A 195 -11.45 -5.13 -22.11
C LEU A 195 -10.67 -4.44 -23.22
N GLU A 196 -11.33 -4.03 -24.30
CA GLU A 196 -10.71 -3.40 -25.44
C GLU A 196 -11.49 -2.17 -25.89
N LEU A 197 -10.78 -1.06 -26.18
CA LEU A 197 -11.35 0.17 -26.71
C LEU A 197 -11.10 0.03 -28.24
N THR A 198 -12.15 -0.29 -29.00
CA THR A 198 -12.01 -0.61 -30.43
C THR A 198 -12.15 0.54 -31.41
N LYS A 199 -12.88 1.60 -31.07
CA LYS A 199 -13.08 2.72 -32.02
C LYS A 199 -13.29 4.02 -31.26
N HIS A 200 -12.97 5.17 -31.87
CA HIS A 200 -13.09 6.48 -31.20
C HIS A 200 -12.90 7.64 -32.16
N ASP A 201 -13.37 8.84 -31.76
CA ASP A 201 -13.08 10.07 -32.52
C ASP A 201 -11.70 10.60 -32.02
N LYS A 202 -11.05 11.49 -32.80
CA LYS A 202 -9.67 11.91 -32.50
C LYS A 202 -9.36 12.27 -31.02
N ASP A 203 -10.25 13.02 -30.34
CA ASP A 203 -9.99 13.47 -28.96
C ASP A 203 -10.75 12.65 -27.88
N PHE A 204 -11.23 11.46 -28.23
CA PHE A 204 -11.90 10.58 -27.30
C PHE A 204 -13.11 11.22 -26.60
N THR A 205 -13.92 12.00 -27.35
CA THR A 205 -15.19 12.51 -26.82
C THR A 205 -16.25 11.37 -26.94
N THR A 206 -16.12 10.45 -27.92
CA THR A 206 -16.94 9.26 -28.04
C THR A 206 -16.02 8.09 -28.34
N TRP A 207 -16.42 6.88 -27.95
CA TRP A 207 -15.64 5.68 -28.21
C TRP A 207 -16.46 4.42 -27.97
N ASP A 208 -15.99 3.29 -28.51
CA ASP A 208 -16.63 1.99 -28.35
C ASP A 208 -15.69 1.14 -27.51
N GLN A 209 -16.26 0.57 -26.46
CA GLN A 209 -15.56 -0.30 -25.50
C GLN A 209 -16.23 -1.67 -25.55
N GLN A 210 -15.50 -2.76 -25.35
CA GLN A 210 -16.06 -4.12 -25.30
C GLN A 210 -15.36 -4.91 -24.21
N GLU A 211 -15.87 -6.07 -23.85
CA GLU A 211 -15.31 -6.87 -22.74
C GLU A 211 -15.80 -8.30 -22.78
N ALA A 212 -14.89 -9.24 -22.71
CA ALA A 212 -15.16 -10.67 -22.65
C ALA A 212 -14.78 -11.09 -21.21
N ALA A 213 -15.68 -11.78 -20.50
CA ALA A 213 -15.43 -12.19 -19.13
C ALA A 213 -15.95 -13.61 -18.85
N GLU A 214 -15.09 -14.47 -18.27
CA GLU A 214 -15.43 -15.86 -17.98
C GLU A 214 -14.93 -16.28 -16.60
N GLY A 215 -15.82 -16.79 -15.76
CA GLY A 215 -15.51 -17.32 -14.46
C GLY A 215 -15.11 -18.77 -14.53
N HIS A 216 -14.21 -19.18 -13.64
CA HIS A 216 -13.76 -20.56 -13.57
C HIS A 216 -12.95 -20.84 -12.31
N PHE A 217 -12.99 -22.08 -11.84
CA PHE A 217 -12.11 -22.53 -10.78
C PHE A 217 -10.74 -22.77 -11.43
N SER A 218 -9.69 -23.05 -10.63
CA SER A 218 -8.37 -23.31 -11.18
C SER A 218 -8.41 -24.59 -12.04
N PRO A 219 -7.77 -24.56 -13.23
CA PRO A 219 -7.73 -25.79 -14.04
C PRO A 219 -6.77 -26.86 -13.52
N LEU A 220 -5.90 -26.51 -12.53
CA LEU A 220 -4.90 -27.44 -12.02
C LEU A 220 -5.52 -28.47 -11.07
N PRO A 221 -5.14 -29.75 -11.19
CA PRO A 221 -5.73 -30.76 -10.28
C PRO A 221 -5.19 -30.64 -8.86
N LYS A 222 -6.05 -30.99 -7.87
CA LYS A 222 -5.75 -30.88 -6.45
C LYS A 222 -5.52 -32.27 -5.84
N ALA A 223 -4.40 -32.44 -5.14
CA ALA A 223 -4.13 -33.68 -4.44
C ALA A 223 -4.18 -33.43 -2.92
N VAL B 3 -4.81 40.74 0.18
CA VAL B 3 -6.17 40.20 0.04
C VAL B 3 -6.60 39.34 1.23
N ILE B 4 -5.63 38.78 1.98
CA ILE B 4 -5.93 37.95 3.16
C ILE B 4 -5.85 38.83 4.41
N LYS B 5 -7.00 39.13 5.04
CA LYS B 5 -7.07 39.98 6.24
C LYS B 5 -6.84 39.16 7.53
N GLN B 6 -6.58 39.84 8.66
CA GLN B 6 -6.38 39.15 9.95
C GLN B 6 -7.60 38.30 10.36
N VAL B 7 -8.81 38.62 9.89
CA VAL B 7 -9.99 37.79 10.10
C VAL B 7 -10.62 37.56 8.73
N MET B 8 -10.96 36.31 8.40
CA MET B 8 -11.57 35.93 7.11
C MET B 8 -12.70 34.93 7.34
N LYS B 9 -13.68 34.93 6.42
CA LYS B 9 -14.81 34.01 6.45
C LYS B 9 -14.56 32.82 5.52
N THR B 10 -15.34 31.73 5.68
CA THR B 10 -15.26 30.58 4.79
C THR B 10 -16.66 30.11 4.45
N LYS B 11 -16.82 29.60 3.25
CA LYS B 11 -18.07 29.05 2.77
C LYS B 11 -17.69 27.77 2.02
N LEU B 12 -18.26 26.63 2.38
CA LEU B 12 -17.92 25.35 1.77
C LEU B 12 -19.12 24.64 1.22
N HIS B 13 -18.94 23.96 0.07
CA HIS B 13 -19.93 23.10 -0.56
C HIS B 13 -19.22 21.78 -0.89
N LEU B 14 -19.65 20.65 -0.29
CA LEU B 14 -19.08 19.34 -0.52
C LEU B 14 -20.13 18.38 -1.05
N GLU B 15 -19.79 17.61 -2.12
CA GLU B 15 -20.66 16.57 -2.65
C GLU B 15 -19.88 15.26 -2.49
N GLY B 16 -20.47 14.28 -1.82
CA GLY B 16 -19.80 13.02 -1.56
C GLY B 16 -20.61 11.77 -1.82
N THR B 17 -19.91 10.64 -1.94
CA THR B 17 -20.50 9.33 -2.07
C THR B 17 -19.62 8.39 -1.25
N VAL B 18 -20.12 7.87 -0.12
CA VAL B 18 -19.36 6.99 0.76
C VAL B 18 -20.18 5.72 0.94
N ASN B 19 -19.62 4.52 0.66
CA ASN B 19 -20.38 3.27 0.77
C ASN B 19 -21.64 3.27 -0.11
N GLY B 20 -21.53 3.90 -1.28
CA GLY B 20 -22.65 4.04 -2.21
C GLY B 20 -23.74 4.97 -1.73
N HIS B 21 -23.48 5.78 -0.69
CA HIS B 21 -24.47 6.70 -0.13
C HIS B 21 -24.13 8.11 -0.53
N ASP B 22 -25.02 8.80 -1.28
CA ASP B 22 -24.77 10.17 -1.74
C ASP B 22 -25.16 11.19 -0.67
N PHE B 23 -24.45 12.31 -0.60
CA PHE B 23 -24.74 13.34 0.38
C PHE B 23 -24.11 14.70 -0.01
N THR B 24 -24.71 15.80 0.48
CA THR B 24 -24.23 17.16 0.25
C THR B 24 -24.02 17.81 1.61
N ILE B 25 -22.87 18.48 1.81
CA ILE B 25 -22.54 19.17 3.05
C ILE B 25 -22.29 20.63 2.73
N GLU B 26 -22.81 21.52 3.56
CA GLU B 26 -22.68 22.96 3.39
C GLU B 26 -22.03 23.48 4.68
N GLY B 27 -20.93 24.24 4.53
CA GLY B 27 -20.22 24.81 5.66
C GLY B 27 -20.13 26.32 5.60
N LYS B 28 -20.04 26.95 6.73
CA LYS B 28 -19.84 28.39 6.82
C LYS B 28 -19.05 28.65 8.11
N GLY B 29 -17.94 29.34 7.99
CA GLY B 29 -17.05 29.55 9.12
C GLY B 29 -16.27 30.84 9.12
N GLU B 30 -15.28 30.88 9.98
CA GLU B 30 -14.43 32.05 10.15
C GLU B 30 -13.12 31.67 10.82
N GLY B 31 -12.09 32.48 10.63
CA GLY B 31 -10.80 32.23 11.26
C GLY B 31 -9.84 33.39 11.15
N LYS B 32 -8.69 33.24 11.80
CA LYS B 32 -7.61 34.22 11.80
C LYS B 32 -6.49 33.59 10.97
N PRO B 33 -6.39 33.93 9.66
CA PRO B 33 -5.40 33.25 8.82
C PRO B 33 -3.95 33.24 9.30
N TYR B 34 -3.47 34.34 9.85
CA TYR B 34 -2.09 34.46 10.32
C TYR B 34 -1.86 33.76 11.68
N GLU B 35 -2.93 33.50 12.46
CA GLU B 35 -2.82 32.77 13.74
C GLU B 35 -2.99 31.24 13.59
N GLY B 36 -3.42 30.77 12.43
CA GLY B 36 -3.61 29.35 12.19
C GLY B 36 -4.82 28.78 12.91
N LEU B 37 -5.84 29.60 13.14
CA LEU B 37 -7.04 29.18 13.85
C LEU B 37 -8.26 29.38 12.97
N GLN B 38 -9.17 28.39 12.97
CA GLN B 38 -10.42 28.51 12.20
C GLN B 38 -11.49 27.59 12.78
N HIS B 39 -12.75 27.85 12.43
CA HIS B 39 -13.91 27.07 12.89
C HIS B 39 -14.90 27.05 11.74
N MET B 40 -15.76 26.04 11.67
CA MET B 40 -16.80 25.99 10.61
C MET B 40 -18.00 25.22 11.14
N LYS B 41 -19.20 25.67 10.80
CA LYS B 41 -20.44 24.98 11.15
C LYS B 41 -20.85 24.19 9.91
N MET B 42 -20.96 22.87 10.03
CA MET B 42 -21.33 21.99 8.92
C MET B 42 -22.82 21.62 8.99
N THR B 43 -23.46 21.39 7.83
CA THR B 43 -24.85 20.99 7.74
C THR B 43 -24.99 20.00 6.57
N VAL B 44 -25.49 18.79 6.86
CA VAL B 44 -25.72 17.76 5.85
C VAL B 44 -27.07 18.14 5.22
N THR B 45 -27.02 18.82 4.07
CA THR B 45 -28.21 19.31 3.37
C THR B 45 -28.92 18.18 2.57
N LYS B 46 -28.21 17.10 2.23
CA LYS B 46 -28.76 15.96 1.52
C LYS B 46 -28.10 14.69 2.04
N GLY B 47 -28.86 13.59 2.09
CA GLY B 47 -28.35 12.31 2.53
C GLY B 47 -28.25 12.13 4.03
N ALA B 48 -28.82 13.07 4.82
CA ALA B 48 -28.82 12.94 6.27
C ALA B 48 -29.90 11.92 6.69
N PRO B 49 -29.71 11.13 7.76
CA PRO B 49 -28.51 11.03 8.60
C PRO B 49 -27.46 10.17 7.91
N LEU B 50 -26.17 10.51 8.05
CA LEU B 50 -25.10 9.79 7.37
C LEU B 50 -24.85 8.42 8.01
N PRO B 51 -24.82 7.34 7.21
CA PRO B 51 -24.60 6.00 7.78
C PRO B 51 -23.15 5.64 8.15
N PHE B 52 -22.24 6.61 8.17
CA PHE B 52 -20.83 6.38 8.50
C PHE B 52 -20.32 7.47 9.47
N SER B 53 -19.15 7.27 10.06
CA SER B 53 -18.55 8.22 10.97
C SER B 53 -18.21 9.50 10.20
N VAL B 54 -18.75 10.66 10.64
CA VAL B 54 -18.47 11.94 9.97
C VAL B 54 -17.00 12.39 10.12
N HIS B 55 -16.27 11.78 11.10
CA HIS B 55 -14.85 12.07 11.29
C HIS B 55 -14.01 11.84 10.01
N ILE B 56 -14.43 10.96 9.11
CA ILE B 56 -13.69 10.73 7.86
C ILE B 56 -13.72 11.99 6.94
N LEU B 57 -14.76 12.85 7.09
CA LEU B 57 -14.97 14.04 6.28
C LEU B 57 -14.34 15.31 6.85
N THR B 58 -14.16 15.39 8.17
CA THR B 58 -13.72 16.63 8.87
C THR B 58 -12.43 17.21 8.26
N PRO B 59 -11.38 16.43 7.91
CA PRO B 59 -10.15 17.03 7.39
C PRO B 59 -10.31 17.52 5.94
N SER B 60 -11.50 17.37 5.33
CA SER B 60 -11.81 17.82 3.95
C SER B 60 -12.49 19.17 4.00
N HIS B 61 -12.75 19.68 5.21
CA HIS B 61 -13.44 20.97 5.46
C HIS B 61 -12.42 21.99 5.94
N1 NRQ B 62 -11.22 21.67 5.81
CE NRQ B 62 -12.69 24.19 9.64
SD NRQ B 62 -11.45 23.11 10.32
CG1 NRQ B 62 -11.23 21.96 8.95
CB1 NRQ B 62 -10.33 22.56 7.89
CA1 NRQ B 62 -10.24 21.77 6.61
C1 NRQ B 62 -8.98 21.15 6.19
N2 NRQ B 62 -8.17 20.57 7.08
OH NRQ B 62 -4.97 16.67 11.56
CD2 NRQ B 62 -6.76 18.47 8.95
CE2 NRQ B 62 -6.50 17.79 10.12
CZ NRQ B 62 -5.22 17.32 10.38
CE1 NRQ B 62 -4.22 17.51 9.45
CD1 NRQ B 62 -4.49 18.19 8.27
CG2 NRQ B 62 -5.76 18.68 8.00
CB2 NRQ B 62 -6.02 19.39 6.75
CA2 NRQ B 62 -7.11 20.06 6.33
C2 NRQ B 62 -7.32 20.38 4.90
O2 NRQ B 62 -6.65 20.13 3.92
N3 NRQ B 62 -8.53 21.06 4.90
CA3 NRQ B 62 -9.18 21.45 3.65
C3 NRQ B 62 -9.46 22.94 3.48
O3 NRQ B 62 -9.99 23.33 2.47
HE1A NRQ B 62 -12.35 24.68 8.72
HE2A NRQ B 62 -13.61 23.65 9.41
HE3 NRQ B 62 -12.90 24.97 10.36
HG11 NRQ B 62 -10.80 21.03 9.35
HG12 NRQ B 62 -12.20 21.67 8.54
HB11 NRQ B 62 -10.69 23.56 7.67
HB12 NRQ B 62 -9.34 22.65 8.30
HOH NRQ B 62 -4.88 15.71 11.36
HD2 NRQ B 62 -7.78 18.83 8.81
HE2 NRQ B 62 -7.30 17.60 10.82
HE1 NRQ B 62 -3.21 17.14 9.65
HD1 NRQ B 62 -3.68 18.33 7.57
HB2 NRQ B 62 -5.20 19.37 6.04
HA31 NRQ B 62 -8.64 21.08 2.79
HA32 NRQ B 62 -10.13 20.92 3.58
N SER B 63 -9.13 23.76 4.47
CA SER B 63 -9.24 25.24 4.38
C SER B 63 -7.83 25.78 4.55
N LYS B 64 -7.01 25.71 3.50
CA LYS B 64 -5.54 25.93 3.60
C LYS B 64 -5.05 27.37 3.86
N PRO B 65 -5.79 28.48 3.69
CA PRO B 65 -5.22 29.80 4.01
C PRO B 65 -5.09 30.07 5.52
N PHE B 66 -5.50 29.12 6.41
CA PHE B 66 -5.39 29.31 7.87
C PHE B 66 -4.29 28.47 8.53
N ASN B 67 -3.05 28.66 8.09
CA ASN B 67 -1.86 27.99 8.63
C ASN B 67 -0.93 29.10 9.13
N LYS B 68 -0.53 29.04 10.41
CA LYS B 68 0.40 30.00 10.98
C LYS B 68 1.78 29.57 10.49
N TYR B 69 2.57 30.50 9.92
CA TYR B 69 3.92 30.16 9.42
C TYR B 69 4.91 31.22 9.87
N PRO B 70 6.17 30.84 10.17
CA PRO B 70 7.17 31.89 10.47
C PRO B 70 7.57 32.64 9.19
N ALA B 71 8.24 33.79 9.35
CA ALA B 71 8.65 34.60 8.21
C ALA B 71 9.57 33.85 7.22
N ASP B 72 10.41 32.91 7.72
CA ASP B 72 11.37 32.18 6.88
C ASP B 72 10.78 30.93 6.18
N ILE B 73 9.45 30.69 6.28
CA ILE B 73 8.81 29.60 5.55
C ILE B 73 7.72 30.26 4.71
N PRO B 74 7.88 30.33 3.38
CA PRO B 74 6.81 30.92 2.55
C PRO B 74 5.50 30.14 2.70
N ASP B 75 4.38 30.86 2.85
CA ASP B 75 3.07 30.24 3.00
C ASP B 75 2.56 29.94 1.59
N TYR B 76 2.64 28.68 1.17
CA TYR B 76 2.25 28.28 -0.18
C TYR B 76 0.78 28.60 -0.49
N HIS B 77 -0.08 28.41 0.51
CA HIS B 77 -1.53 28.53 0.39
C HIS B 77 -1.99 29.98 0.31
N LYS B 78 -1.49 30.82 1.23
CA LYS B 78 -1.86 32.24 1.23
C LYS B 78 -1.39 32.92 -0.06
N GLN B 79 -0.17 32.58 -0.54
CA GLN B 79 0.36 33.18 -1.76
C GLN B 79 -0.49 32.90 -3.01
N SER B 80 -1.22 31.78 -3.04
CA SER B 80 -2.02 31.42 -4.20
C SER B 80 -3.32 32.23 -4.35
N PHE B 81 -3.61 33.20 -3.47
CA PHE B 81 -4.82 34.03 -3.59
C PHE B 81 -4.41 35.42 -4.13
N PRO B 82 -5.27 36.10 -4.90
CA PRO B 82 -6.68 35.79 -5.23
C PRO B 82 -6.94 34.75 -6.33
N GLU B 83 -5.93 34.34 -7.10
CA GLU B 83 -6.11 33.39 -8.22
C GLU B 83 -6.78 32.09 -7.77
N GLY B 84 -6.43 31.63 -6.59
CA GLY B 84 -6.97 30.42 -6.02
C GLY B 84 -6.00 29.25 -6.09
N MET B 85 -6.43 28.15 -5.51
CA MET B 85 -5.65 26.93 -5.45
C MET B 85 -6.61 25.75 -5.36
N SER B 86 -6.06 24.56 -5.46
CA SER B 86 -6.83 23.34 -5.34
C SER B 86 -5.98 22.33 -4.58
N TRP B 87 -6.62 21.32 -4.04
CA TRP B 87 -5.89 20.24 -3.33
C TRP B 87 -6.52 18.91 -3.71
N GLU B 88 -5.75 17.85 -3.68
CA GLU B 88 -6.19 16.50 -3.95
C GLU B 88 -5.62 15.61 -2.84
N ARG B 89 -6.31 14.52 -2.51
CA ARG B 89 -5.84 13.68 -1.39
C ARG B 89 -6.36 12.25 -1.44
N SER B 90 -5.55 11.30 -1.02
CA SER B 90 -5.96 9.91 -0.83
C SER B 90 -5.81 9.60 0.68
N MET B 91 -6.75 8.84 1.23
CA MET B 91 -6.77 8.42 2.62
C MET B 91 -6.88 6.91 2.64
N ILE B 92 -5.79 6.23 3.00
CA ILE B 92 -5.74 4.78 3.05
C ILE B 92 -5.86 4.32 4.51
N PHE B 93 -6.92 3.59 4.82
CA PHE B 93 -7.19 3.10 6.15
C PHE B 93 -6.45 1.77 6.38
N GLU B 94 -6.31 1.35 7.64
CA GLU B 94 -5.66 0.08 7.98
C GLU B 94 -6.42 -1.16 7.51
N ASP B 95 -7.73 -1.03 7.25
CA ASP B 95 -8.60 -2.15 6.93
C ASP B 95 -9.09 -2.21 5.48
N GLY B 96 -8.36 -1.60 4.57
CA GLY B 96 -8.70 -1.64 3.15
C GLY B 96 -9.54 -0.49 2.66
N GLY B 97 -10.17 0.25 3.56
CA GLY B 97 -10.99 1.40 3.18
C GLY B 97 -10.15 2.46 2.51
N VAL B 98 -10.68 3.09 1.46
CA VAL B 98 -10.00 4.17 0.72
C VAL B 98 -10.97 5.32 0.51
N CYS B 99 -10.56 6.53 0.90
CA CYS B 99 -11.32 7.75 0.60
C CYS B 99 -10.42 8.66 -0.25
N THR B 100 -11.02 9.34 -1.23
CA THR B 100 -10.34 10.31 -2.05
C THR B 100 -11.13 11.64 -1.90
N ALA B 101 -10.42 12.73 -1.75
CA ALA B 101 -11.03 14.05 -1.60
C ALA B 101 -10.28 15.05 -2.50
N SER B 102 -10.99 15.99 -3.10
CA SER B 102 -10.36 17.05 -3.89
C SER B 102 -11.16 18.33 -3.74
N ASN B 103 -10.48 19.48 -3.78
CA ASN B 103 -11.05 20.78 -3.53
C ASN B 103 -10.59 21.80 -4.57
N HIS B 104 -11.34 22.89 -4.68
CA HIS B 104 -11.05 24.07 -5.46
C HIS B 104 -11.32 25.23 -4.49
N SER B 105 -10.30 26.02 -4.17
CA SER B 105 -10.42 27.15 -3.26
C SER B 105 -10.31 28.44 -4.05
N SER B 106 -11.28 29.33 -3.89
CA SER B 106 -11.28 30.64 -4.52
C SER B 106 -11.62 31.70 -3.44
N ILE B 107 -11.71 32.98 -3.83
CA ILE B 107 -12.01 34.04 -2.88
C ILE B 107 -13.07 34.98 -3.43
N ASN B 108 -13.94 35.48 -2.54
CA ASN B 108 -14.94 36.48 -2.85
C ASN B 108 -14.41 37.74 -2.15
N LEU B 109 -13.61 38.54 -2.86
CA LEU B 109 -12.98 39.73 -2.30
C LEU B 109 -13.97 40.72 -1.69
N GLN B 110 -15.13 40.90 -2.36
CA GLN B 110 -16.16 41.82 -1.85
C GLN B 110 -16.74 41.34 -0.51
N GLU B 111 -16.65 40.03 -0.19
CA GLU B 111 -17.15 39.47 1.07
C GLU B 111 -16.03 39.13 2.09
N ASN B 112 -14.76 39.06 1.66
CA ASN B 112 -13.65 38.60 2.52
C ASN B 112 -13.97 37.15 2.99
N CYS B 113 -14.36 36.31 2.01
CA CYS B 113 -14.76 34.93 2.25
C CYS B 113 -14.10 33.99 1.25
N PHE B 114 -13.47 32.92 1.72
CA PHE B 114 -12.93 31.90 0.85
C PHE B 114 -14.08 31.00 0.44
N ILE B 115 -14.06 30.52 -0.81
CA ILE B 115 -15.09 29.60 -1.30
C ILE B 115 -14.42 28.24 -1.57
N TYR B 116 -14.94 27.17 -0.97
CA TYR B 116 -14.41 25.81 -1.17
C TYR B 116 -15.45 24.96 -1.87
N ASP B 117 -15.06 24.26 -2.94
CA ASP B 117 -15.93 23.32 -3.63
C ASP B 117 -15.19 21.98 -3.54
N VAL B 118 -15.76 21.04 -2.79
CA VAL B 118 -15.14 19.75 -2.47
C VAL B 118 -15.89 18.54 -3.01
N LYS B 119 -15.13 17.50 -3.38
CA LYS B 119 -15.63 16.18 -3.83
C LYS B 119 -15.05 15.14 -2.87
N PHE B 120 -15.85 14.16 -2.44
CA PHE B 120 -15.38 13.14 -1.49
C PHE B 120 -15.94 11.79 -1.94
N HIS B 121 -15.12 10.75 -1.95
CA HIS B 121 -15.54 9.43 -2.35
C HIS B 121 -14.95 8.41 -1.39
N GLY B 122 -15.80 7.55 -0.80
CA GLY B 122 -15.38 6.51 0.11
C GLY B 122 -15.78 5.15 -0.41
N VAL B 123 -14.79 4.22 -0.53
CA VAL B 123 -15.04 2.87 -1.04
C VAL B 123 -14.44 1.80 -0.14
N ASN B 124 -14.98 0.59 -0.25
CA ASN B 124 -14.53 -0.61 0.46
C ASN B 124 -14.34 -0.43 1.97
N LEU B 125 -15.17 0.42 2.60
CA LEU B 125 -15.14 0.58 4.06
C LEU B 125 -15.72 -0.70 4.64
N PRO B 126 -14.98 -1.51 5.42
CA PRO B 126 -15.58 -2.78 5.91
C PRO B 126 -16.83 -2.55 6.74
N PRO B 127 -17.90 -3.38 6.57
CA PRO B 127 -19.16 -3.12 7.30
C PRO B 127 -19.06 -3.13 8.83
N ASP B 128 -18.13 -3.93 9.38
CA ASP B 128 -17.92 -3.98 10.82
C ASP B 128 -16.69 -3.14 11.27
N GLY B 129 -16.12 -2.31 10.37
CA GLY B 129 -14.99 -1.45 10.67
C GLY B 129 -15.41 -0.19 11.44
N PRO B 130 -14.45 0.56 12.01
CA PRO B 130 -14.85 1.74 12.81
C PRO B 130 -15.58 2.87 12.09
N VAL B 131 -15.44 2.99 10.76
CA VAL B 131 -16.12 4.05 10.01
C VAL B 131 -17.62 3.72 9.90
N MET B 132 -17.97 2.52 9.39
CA MET B 132 -19.35 2.13 9.24
C MET B 132 -20.03 1.84 10.60
N GLN B 133 -19.26 1.32 11.59
CA GLN B 133 -19.82 1.10 12.93
C GLN B 133 -19.87 2.38 13.78
N LYS B 134 -19.33 3.52 13.28
CA LYS B 134 -19.37 4.78 14.01
C LYS B 134 -18.76 4.67 15.41
N THR B 135 -17.64 3.93 15.53
CA THR B 135 -16.93 3.80 16.80
C THR B 135 -15.70 4.75 16.84
N ILE B 136 -15.65 5.81 16.01
CA ILE B 136 -14.54 6.76 16.02
C ILE B 136 -14.93 7.90 16.96
N ALA B 137 -14.08 8.19 17.95
CA ALA B 137 -14.33 9.26 18.90
C ALA B 137 -13.87 10.64 18.35
N GLY B 138 -12.88 10.63 17.46
CA GLY B 138 -12.33 11.83 16.84
C GLY B 138 -10.89 11.64 16.44
N TRP B 139 -10.28 12.68 15.85
CA TRP B 139 -8.88 12.61 15.43
C TRP B 139 -7.96 13.01 16.56
N GLU B 140 -6.79 12.39 16.61
CA GLU B 140 -5.72 12.84 17.50
C GLU B 140 -5.06 14.04 16.82
N PRO B 141 -4.31 14.92 17.52
CA PRO B 141 -3.47 15.91 16.76
C PRO B 141 -2.50 15.16 15.83
N SER B 142 -2.05 15.85 14.79
CA SER B 142 -1.19 15.24 13.74
C SER B 142 -0.04 16.17 13.34
N VAL B 143 1.02 15.61 12.74
CA VAL B 143 2.12 16.38 12.21
C VAL B 143 2.21 15.98 10.76
N GLU B 144 2.01 16.93 9.86
CA GLU B 144 2.09 16.74 8.42
C GLU B 144 3.49 17.11 7.95
N THR B 145 4.07 16.33 7.01
CA THR B 145 5.43 16.53 6.46
C THR B 145 5.26 17.02 5.03
N LEU B 146 5.78 18.23 4.70
CA LEU B 146 5.60 18.86 3.39
C LEU B 146 6.89 19.14 2.63
N TYR B 147 6.87 18.90 1.31
CA TYR B 147 8.00 19.13 0.40
C TYR B 147 7.46 19.32 -1.03
N VAL B 148 8.18 20.06 -1.88
CA VAL B 148 7.72 20.30 -3.26
C VAL B 148 8.02 19.07 -4.15
N ARG B 149 7.12 18.87 -5.12
CA ARG B 149 7.19 17.82 -6.13
C ARG B 149 6.52 18.41 -7.39
N ASP B 150 7.27 18.59 -8.46
CA ASP B 150 6.75 19.16 -9.71
C ASP B 150 6.15 20.58 -9.56
N GLY B 151 6.76 21.43 -8.71
CA GLY B 151 6.25 22.78 -8.47
C GLY B 151 4.98 22.90 -7.66
N MET B 152 4.45 21.75 -7.19
CA MET B 152 3.30 21.68 -6.30
C MET B 152 3.84 21.32 -4.92
N LEU B 153 3.05 21.56 -3.85
CA LEU B 153 3.48 21.20 -2.51
C LEU B 153 2.83 19.84 -2.10
N LYS B 154 3.63 18.78 -2.01
CA LYS B 154 3.21 17.44 -1.62
C LYS B 154 3.32 17.26 -0.08
N SER B 155 2.46 16.41 0.52
CA SER B 155 2.53 16.14 1.96
C SER B 155 2.09 14.74 2.38
N ASP B 156 2.59 14.30 3.53
CA ASP B 156 2.32 13.00 4.15
C ASP B 156 1.96 13.19 5.58
N THR B 157 0.90 12.53 6.03
CA THR B 157 0.40 12.68 7.41
C THR B 157 -0.20 11.35 7.89
N ALA B 158 0.34 10.76 8.94
CA ALA B 158 -0.25 9.56 9.53
C ALA B 158 -1.32 10.18 10.39
N MET B 159 -2.53 10.34 9.87
CA MET B 159 -3.68 10.87 10.65
C MET B 159 -4.31 9.73 11.46
N VAL B 160 -4.12 9.69 12.77
CA VAL B 160 -4.60 8.63 13.65
C VAL B 160 -5.84 9.04 14.41
N PHE B 161 -6.91 8.23 14.36
CA PHE B 161 -8.11 8.54 15.12
C PHE B 161 -8.24 7.65 16.35
N LYS B 162 -8.91 8.19 17.37
CA LYS B 162 -9.15 7.53 18.65
C LYS B 162 -10.43 6.74 18.51
N LEU B 163 -10.43 5.47 18.96
CA LEU B 163 -11.63 4.66 18.96
C LEU B 163 -12.37 4.87 20.29
N LYS B 164 -13.71 4.80 20.27
CA LYS B 164 -14.51 4.88 21.51
C LYS B 164 -14.22 3.58 22.27
N GLY B 165 -13.76 3.71 23.50
CA GLY B 165 -13.32 2.57 24.29
C GLY B 165 -11.80 2.38 24.28
N GLY B 166 -11.07 3.29 23.64
CA GLY B 166 -9.62 3.23 23.60
C GLY B 166 -9.10 2.52 22.37
N GLY B 167 -7.82 2.77 22.10
CA GLY B 167 -7.16 2.23 20.93
C GLY B 167 -7.17 3.25 19.80
N HIS B 168 -6.34 2.99 18.79
CA HIS B 168 -6.16 3.90 17.68
C HIS B 168 -6.20 3.19 16.33
N HIS B 169 -6.42 3.96 15.28
CA HIS B 169 -6.49 3.44 13.93
C HIS B 169 -5.88 4.52 13.01
N ARG B 170 -4.86 4.12 12.24
CA ARG B 170 -4.13 5.02 11.38
C ARG B 170 -4.73 5.11 9.98
N VAL B 171 -4.73 6.34 9.41
CA VAL B 171 -5.14 6.63 8.04
C VAL B 171 -4.00 7.39 7.36
N ASP B 172 -3.39 6.78 6.35
CA ASP B 172 -2.31 7.45 5.62
C ASP B 172 -2.91 8.48 4.66
N PHE B 173 -2.59 9.77 4.89
CA PHE B 173 -3.00 10.86 4.00
C PHE B 173 -1.85 11.24 3.05
N LYS B 174 -2.08 11.20 1.73
CA LYS B 174 -1.12 11.70 0.74
C LYS B 174 -1.85 12.87 0.08
N THR B 175 -1.37 14.10 0.24
CA THR B 175 -2.04 15.29 -0.31
C THR B 175 -1.14 16.05 -1.24
N THR B 176 -1.74 16.73 -2.25
CA THR B 176 -1.00 17.61 -3.17
C THR B 176 -1.74 18.94 -3.19
N TYR B 177 -1.04 20.01 -2.86
CA TYR B 177 -1.58 21.39 -2.91
C TYR B 177 -1.15 21.99 -4.25
N LYS B 178 -2.07 22.56 -5.03
CA LYS B 178 -1.80 23.07 -6.37
C LYS B 178 -2.25 24.52 -6.55
N ALA B 179 -1.31 25.46 -6.41
CA ALA B 179 -1.60 26.87 -6.62
C ALA B 179 -1.93 27.09 -8.11
N LYS B 180 -2.91 27.98 -8.42
CA LYS B 180 -3.27 28.25 -9.83
C LYS B 180 -2.18 29.07 -10.55
N LYS B 181 -1.43 29.89 -9.83
CA LYS B 181 -0.33 30.67 -10.42
C LYS B 181 0.97 30.36 -9.64
N PRO B 182 2.18 30.54 -10.23
CA PRO B 182 3.40 30.25 -9.46
C PRO B 182 3.56 31.12 -8.21
N VAL B 183 4.06 30.52 -7.14
CA VAL B 183 4.27 31.17 -5.85
C VAL B 183 5.72 30.81 -5.39
N LYS B 184 6.22 31.52 -4.35
CA LYS B 184 7.53 31.23 -3.77
C LYS B 184 7.37 29.91 -3.03
N LEU B 185 8.06 28.87 -3.51
CA LEU B 185 7.92 27.53 -2.94
C LEU B 185 8.69 27.42 -1.63
N PRO B 186 8.15 26.72 -0.61
CA PRO B 186 8.91 26.56 0.64
C PRO B 186 9.83 25.36 0.62
N GLU B 187 10.83 25.37 1.50
CA GLU B 187 11.70 24.23 1.67
C GLU B 187 10.92 23.20 2.55
N PHE B 188 11.46 21.96 2.65
CA PHE B 188 10.90 20.87 3.44
C PHE B 188 10.58 21.34 4.87
N HIS B 189 9.36 21.10 5.37
CA HIS B 189 8.95 21.54 6.71
C HIS B 189 7.76 20.71 7.24
N PHE B 190 7.34 20.99 8.47
CA PHE B 190 6.24 20.30 9.13
C PHE B 190 5.10 21.26 9.45
N VAL B 191 3.89 20.71 9.61
CA VAL B 191 2.73 21.49 10.03
C VAL B 191 2.04 20.71 11.14
N GLU B 192 1.94 21.30 12.35
CA GLU B 192 1.21 20.72 13.47
C GLU B 192 -0.27 20.97 13.17
N HIS B 193 -1.13 19.96 13.35
CA HIS B 193 -2.60 20.14 13.20
C HIS B 193 -3.37 19.56 14.39
N ARG B 194 -4.41 20.23 14.84
CA ARG B 194 -5.30 19.72 15.87
C ARG B 194 -6.70 20.06 15.43
N LEU B 195 -7.37 19.07 14.86
CA LEU B 195 -8.75 19.23 14.37
C LEU B 195 -9.65 18.65 15.45
N GLU B 196 -10.70 19.37 15.82
CA GLU B 196 -11.65 18.94 16.83
C GLU B 196 -13.09 19.22 16.42
N LEU B 197 -13.99 18.24 16.63
CA LEU B 197 -15.43 18.38 16.39
C LEU B 197 -15.97 18.69 17.81
N THR B 198 -16.34 19.95 18.06
CA THR B 198 -16.71 20.40 19.40
C THR B 198 -18.19 20.33 19.78
N LYS B 199 -19.11 20.40 18.81
CA LYS B 199 -20.55 20.39 19.12
C LYS B 199 -21.33 19.78 17.96
N HIS B 200 -22.51 19.20 18.24
CA HIS B 200 -23.32 18.54 17.21
C HIS B 200 -24.70 18.16 17.71
N ASP B 201 -25.65 17.94 16.77
CA ASP B 201 -26.97 17.40 17.12
C ASP B 201 -26.83 15.84 17.16
N LYS B 202 -27.78 15.14 17.82
CA LYS B 202 -27.65 13.70 18.07
C LYS B 202 -27.17 12.84 16.88
N ASP B 203 -27.70 13.06 15.67
CA ASP B 203 -27.36 12.23 14.50
C ASP B 203 -26.36 12.89 13.53
N PHE B 204 -25.64 13.91 13.99
CA PHE B 204 -24.63 14.59 13.20
C PHE B 204 -25.14 15.12 11.85
N THR B 205 -26.34 15.71 11.84
CA THR B 205 -26.83 16.39 10.64
C THR B 205 -26.20 17.82 10.62
N THR B 206 -25.86 18.40 11.80
CA THR B 206 -25.12 19.65 11.91
C THR B 206 -24.05 19.46 12.96
N TRP B 207 -22.94 20.19 12.85
CA TRP B 207 -21.86 20.13 13.82
C TRP B 207 -20.91 21.29 13.67
N ASP B 208 -20.10 21.55 14.71
CA ASP B 208 -19.08 22.59 14.71
C ASP B 208 -17.72 21.90 14.72
N GLN B 209 -16.86 22.39 13.84
CA GLN B 209 -15.50 21.84 13.64
C GLN B 209 -14.52 23.02 13.77
N GLN B 210 -13.36 22.82 14.36
CA GLN B 210 -12.31 23.86 14.45
C GLN B 210 -10.95 23.21 14.21
N GLU B 211 -9.91 24.00 13.97
CA GLU B 211 -8.58 23.46 13.63
C GLU B 211 -7.48 24.47 13.94
N ALA B 212 -6.45 24.04 14.62
CA ALA B 212 -5.26 24.85 14.91
C ALA B 212 -4.13 24.24 14.04
N ALA B 213 -3.40 25.08 13.28
CA ALA B 213 -2.33 24.61 12.41
C ALA B 213 -1.14 25.57 12.43
N GLU B 214 0.08 25.01 12.61
CA GLU B 214 1.32 25.79 12.67
C GLU B 214 2.46 25.09 11.93
N GLY B 215 3.06 25.80 10.98
CA GLY B 215 4.21 25.35 10.22
C GLY B 215 5.50 25.64 10.93
N HIS B 216 6.48 24.74 10.78
CA HIS B 216 7.79 24.93 11.38
C HIS B 216 8.82 23.96 10.84
N PHE B 217 10.10 24.36 10.84
CA PHE B 217 11.20 23.46 10.52
C PHE B 217 11.43 22.60 11.78
N SER B 218 12.28 21.57 11.70
CA SER B 218 12.56 20.73 12.86
C SER B 218 13.23 21.55 13.96
N PRO B 219 12.80 21.38 15.23
CA PRO B 219 13.46 22.11 16.31
C PRO B 219 14.83 21.57 16.70
N LEU B 220 15.22 20.37 16.18
CA LEU B 220 16.48 19.73 16.52
C LEU B 220 17.66 20.37 15.80
N PRO B 221 18.78 20.63 16.49
CA PRO B 221 19.94 21.24 15.80
C PRO B 221 20.69 20.25 14.91
N LYS B 222 21.37 20.77 13.87
CA LYS B 222 22.18 19.99 12.93
C LYS B 222 23.58 19.74 13.53
N VAL C 3 20.60 -29.02 -20.13
CA VAL C 3 20.97 -29.17 -18.72
C VAL C 3 19.75 -29.50 -17.84
N ILE C 4 18.53 -29.13 -18.28
CA ILE C 4 17.31 -29.43 -17.53
C ILE C 4 16.69 -30.72 -18.04
N LYS C 5 16.78 -31.81 -17.25
CA LYS C 5 16.27 -33.14 -17.60
C LYS C 5 14.77 -33.27 -17.29
N GLN C 6 14.10 -34.23 -17.96
CA GLN C 6 12.66 -34.50 -17.74
C GLN C 6 12.32 -34.72 -16.24
N VAL C 7 13.27 -35.22 -15.41
CA VAL C 7 13.11 -35.34 -13.97
C VAL C 7 14.34 -34.69 -13.32
N MET C 8 14.12 -33.86 -12.28
CA MET C 8 15.20 -33.17 -11.60
C MET C 8 14.96 -32.97 -10.12
N LYS C 9 16.05 -33.08 -9.34
CA LYS C 9 16.02 -32.91 -7.89
C LYS C 9 16.12 -31.44 -7.47
N THR C 10 15.82 -31.17 -6.19
CA THR C 10 15.94 -29.85 -5.58
C THR C 10 16.52 -29.99 -4.18
N LYS C 11 17.36 -29.04 -3.79
CA LYS C 11 17.97 -28.97 -2.47
C LYS C 11 17.85 -27.51 -2.06
N LEU C 12 17.26 -27.26 -0.89
CA LEU C 12 17.02 -25.91 -0.41
C LEU C 12 17.60 -25.64 0.95
N HIS C 13 18.05 -24.40 1.16
CA HIS C 13 18.53 -23.93 2.46
C HIS C 13 17.91 -22.55 2.66
N LEU C 14 17.07 -22.36 3.68
CA LEU C 14 16.45 -21.08 3.95
C LEU C 14 16.82 -20.61 5.34
N GLU C 15 17.18 -19.33 5.51
CA GLU C 15 17.45 -18.72 6.80
C GLU C 15 16.41 -17.60 6.96
N GLY C 16 15.65 -17.62 8.05
CA GLY C 16 14.61 -16.63 8.25
C GLY C 16 14.53 -16.05 9.63
N THR C 17 13.80 -14.94 9.73
CA THR C 17 13.53 -14.23 10.97
C THR C 17 12.13 -13.70 10.84
N VAL C 18 11.16 -14.25 11.60
CA VAL C 18 9.75 -13.85 11.54
C VAL C 18 9.32 -13.50 12.96
N ASN C 19 8.79 -12.30 13.20
CA ASN C 19 8.39 -11.90 14.56
C ASN C 19 9.57 -11.97 15.56
N GLY C 20 10.76 -11.63 15.08
CA GLY C 20 11.98 -11.70 15.87
C GLY C 20 12.40 -13.11 16.24
N HIS C 21 11.86 -14.13 15.55
CA HIS C 21 12.20 -15.52 15.81
C HIS C 21 13.06 -16.04 14.67
N ASP C 22 14.32 -16.46 14.95
CA ASP C 22 15.24 -16.97 13.94
C ASP C 22 15.00 -18.45 13.68
N PHE C 23 15.21 -18.90 12.43
CA PHE C 23 15.01 -20.30 12.07
C PHE C 23 15.73 -20.67 10.77
N THR C 24 16.06 -21.96 10.60
CA THR C 24 16.71 -22.50 9.41
C THR C 24 15.85 -23.63 8.88
N ILE C 25 15.58 -23.66 7.58
CA ILE C 25 14.79 -24.75 6.98
C ILE C 25 15.61 -25.38 5.88
N GLU C 26 15.55 -26.69 5.78
CA GLU C 26 16.31 -27.48 4.82
C GLU C 26 15.28 -28.27 4.01
N GLY C 27 15.35 -28.19 2.69
CA GLY C 27 14.44 -28.89 1.80
C GLY C 27 15.15 -29.84 0.86
N LYS C 28 14.46 -30.92 0.48
CA LYS C 28 14.98 -31.92 -0.45
C LYS C 28 13.78 -32.42 -1.26
N GLY C 29 13.81 -32.26 -2.58
CA GLY C 29 12.69 -32.67 -3.40
C GLY C 29 13.04 -33.09 -4.81
N GLU C 30 12.02 -33.13 -5.65
CA GLU C 30 12.19 -33.43 -7.06
C GLU C 30 10.89 -33.19 -7.84
N GLY C 31 11.03 -33.09 -9.15
CA GLY C 31 9.91 -32.75 -10.01
C GLY C 31 10.19 -32.98 -11.47
N LYS C 32 9.17 -32.74 -12.28
CA LYS C 32 9.23 -32.88 -13.74
C LYS C 32 9.21 -31.45 -14.29
N PRO C 33 10.37 -30.86 -14.61
CA PRO C 33 10.38 -29.44 -15.02
C PRO C 33 9.44 -29.04 -16.17
N TYR C 34 9.34 -29.88 -17.19
CA TYR C 34 8.50 -29.60 -18.35
C TYR C 34 7.00 -29.84 -18.10
N GLU C 35 6.64 -30.62 -17.06
CA GLU C 35 5.24 -30.84 -16.69
C GLU C 35 4.71 -29.81 -15.65
N GLY C 36 5.59 -29.01 -15.06
CA GLY C 36 5.20 -28.02 -14.07
C GLY C 36 4.78 -28.63 -12.75
N LEU C 37 5.37 -29.78 -12.39
CA LEU C 37 5.05 -30.48 -11.15
C LEU C 37 6.30 -30.64 -10.32
N GLN C 38 6.21 -30.43 -9.01
CA GLN C 38 7.38 -30.64 -8.12
C GLN C 38 6.93 -30.83 -6.68
N HIS C 39 7.73 -31.55 -5.88
CA HIS C 39 7.46 -31.74 -4.44
C HIS C 39 8.76 -31.48 -3.67
N MET C 40 8.67 -31.30 -2.37
CA MET C 40 9.85 -31.09 -1.51
C MET C 40 9.44 -31.40 -0.07
N LYS C 41 10.34 -31.98 0.72
CA LYS C 41 10.12 -32.32 2.12
C LYS C 41 10.94 -31.31 2.92
N MET C 42 10.27 -30.48 3.72
CA MET C 42 10.91 -29.44 4.51
C MET C 42 11.23 -29.94 5.89
N THR C 43 12.28 -29.41 6.49
CA THR C 43 12.69 -29.76 7.85
C THR C 43 13.22 -28.48 8.52
N VAL C 44 12.60 -28.08 9.62
CA VAL C 44 13.01 -26.91 10.38
C VAL C 44 14.20 -27.41 11.23
N THR C 45 15.42 -27.16 10.76
CA THR C 45 16.65 -27.61 11.43
C THR C 45 17.04 -26.72 12.63
N LYS C 46 16.54 -25.48 12.69
CA LYS C 46 16.78 -24.56 13.80
C LYS C 46 15.53 -23.73 14.03
N GLY C 47 15.27 -23.39 15.28
CA GLY C 47 14.12 -22.57 15.64
C GLY C 47 12.80 -23.31 15.71
N ALA C 48 12.81 -24.65 15.63
CA ALA C 48 11.58 -25.43 15.74
C ALA C 48 11.18 -25.51 17.23
N PRO C 49 9.87 -25.53 17.56
CA PRO C 49 8.70 -25.41 16.69
C PRO C 49 8.47 -23.94 16.31
N LEU C 50 8.04 -23.66 15.08
CA LEU C 50 7.85 -22.29 14.63
C LEU C 50 6.61 -21.66 15.27
N PRO C 51 6.72 -20.45 15.84
CA PRO C 51 5.56 -19.81 16.50
C PRO C 51 4.55 -19.12 15.55
N PHE C 52 4.66 -19.34 14.24
CA PHE C 52 3.78 -18.73 13.25
C PHE C 52 3.32 -19.77 12.21
N SER C 53 2.32 -19.43 11.40
CA SER C 53 1.80 -20.32 10.37
C SER C 53 2.90 -20.55 9.33
N VAL C 54 3.29 -21.83 9.10
CA VAL C 54 4.32 -22.14 8.10
C VAL C 54 3.88 -21.85 6.65
N HIS C 55 2.57 -21.64 6.41
CA HIS C 55 2.07 -21.32 5.10
C HIS C 55 2.67 -20.05 4.54
N ILE C 56 3.07 -19.09 5.40
CA ILE C 56 3.70 -17.87 4.91
C ILE C 56 5.03 -18.17 4.18
N LEU C 57 5.70 -19.30 4.52
CA LEU C 57 6.98 -19.72 3.95
C LEU C 57 6.87 -20.62 2.72
N THR C 58 5.80 -21.38 2.57
CA THR C 58 5.71 -22.44 1.52
C THR C 58 5.99 -21.87 0.11
N PRO C 59 5.49 -20.68 -0.31
CA PRO C 59 5.73 -20.20 -1.68
C PRO C 59 7.19 -19.74 -1.89
N SER C 60 7.98 -19.60 -0.82
CA SER C 60 9.41 -19.20 -0.86
C SER C 60 10.29 -20.45 -1.04
N HIS C 61 9.68 -21.64 -1.15
CA HIS C 61 10.40 -22.93 -1.31
C HIS C 61 10.19 -23.40 -2.75
N1 NRQ C 62 9.61 -22.60 -3.52
CE NRQ C 62 8.07 -27.55 -3.70
SD NRQ C 62 6.74 -26.44 -4.14
CG1 NRQ C 62 7.43 -24.86 -3.61
CB1 NRQ C 62 8.21 -24.20 -4.72
CA1 NRQ C 62 8.70 -22.81 -4.37
C1 NRQ C 62 8.16 -21.63 -5.06
N2 NRQ C 62 6.89 -21.52 -5.43
OH NRQ C 62 0.24 -19.68 -5.59
CD2 NRQ C 62 3.65 -20.87 -5.97
CE2 NRQ C 62 2.29 -20.86 -5.74
CZ NRQ C 62 1.57 -19.68 -5.88
CE1 NRQ C 62 2.22 -18.53 -6.28
CD1 NRQ C 62 3.58 -18.56 -6.53
CG2 NRQ C 62 4.32 -19.73 -6.38
CB2 NRQ C 62 5.74 -19.74 -6.70
CA2 NRQ C 62 6.79 -20.28 -6.07
C2 NRQ C 62 8.11 -19.62 -6.03
O2 NRQ C 62 8.48 -18.54 -6.44
N3 NRQ C 62 8.91 -20.53 -5.39
CA3 NRQ C 62 10.33 -20.26 -5.09
C3 NRQ C 62 11.28 -21.28 -5.66
O3 NRQ C 62 12.44 -21.31 -5.36
HE1A NRQ C 62 8.99 -27.02 -3.47
HE2A NRQ C 62 7.82 -28.19 -2.86
HE3 NRQ C 62 8.27 -28.19 -4.57
HG11 NRQ C 62 6.61 -24.22 -3.26
HG12 NRQ C 62 8.08 -25.01 -2.74
HB11 NRQ C 62 9.07 -24.83 -4.94
HB12 NRQ C 62 7.60 -24.15 -5.62
HOH NRQ C 62 0.02 -18.88 -5.06
HD2 NRQ C 62 4.17 -21.82 -5.82
HE2 NRQ C 62 1.77 -21.78 -5.50
HE1 NRQ C 62 1.66 -17.60 -6.40
HD1 NRQ C 62 4.07 -17.64 -6.86
HB2 NRQ C 62 5.99 -19.21 -7.62
HA31 NRQ C 62 10.62 -19.26 -5.40
HA32 NRQ C 62 10.45 -20.22 -4.00
N SER C 63 10.73 -22.15 -6.49
CA SER C 63 11.50 -23.13 -7.31
C SER C 63 11.07 -22.92 -8.75
N LYS C 64 11.71 -22.01 -9.46
CA LYS C 64 11.21 -21.56 -10.78
C LYS C 64 11.48 -22.47 -11.97
N PRO C 65 12.43 -23.43 -12.02
CA PRO C 65 12.56 -24.23 -13.26
C PRO C 65 11.43 -25.24 -13.48
N PHE C 66 10.43 -25.34 -12.56
CA PHE C 66 9.31 -26.27 -12.70
C PHE C 66 7.98 -25.60 -13.07
N ASN C 67 7.96 -24.87 -14.19
CA ASN C 67 6.77 -24.21 -14.73
C ASN C 67 6.54 -24.79 -16.14
N LYS C 68 5.35 -25.35 -16.41
CA LYS C 68 4.99 -25.89 -17.71
C LYS C 68 4.67 -24.67 -18.60
N TYR C 69 5.27 -24.58 -19.79
CA TYR C 69 5.02 -23.44 -20.68
C TYR C 69 4.77 -23.94 -22.09
N PRO C 70 3.89 -23.29 -22.88
CA PRO C 70 3.77 -23.70 -24.29
C PRO C 70 5.00 -23.27 -25.10
N ALA C 71 5.16 -23.81 -26.30
CA ALA C 71 6.30 -23.48 -27.14
C ALA C 71 6.41 -21.98 -27.50
N ASP C 72 5.27 -21.27 -27.60
CA ASP C 72 5.26 -19.84 -27.96
C ASP C 72 5.46 -18.86 -26.77
N ILE C 73 5.76 -19.38 -25.56
CA ILE C 73 6.07 -18.52 -24.42
C ILE C 73 7.46 -18.95 -23.95
N PRO C 74 8.51 -18.13 -24.15
CA PRO C 74 9.84 -18.53 -23.65
C PRO C 74 9.84 -18.71 -22.14
N ASP C 75 10.46 -19.80 -21.66
CA ASP C 75 10.55 -20.08 -20.23
C ASP C 75 11.73 -19.28 -19.70
N TYR C 76 11.47 -18.15 -19.04
CA TYR C 76 12.52 -17.27 -18.51
C TYR C 76 13.44 -17.99 -17.52
N HIS C 77 12.86 -18.86 -16.69
CA HIS C 77 13.57 -19.53 -15.59
C HIS C 77 14.45 -20.66 -16.08
N LYS C 78 13.92 -21.53 -16.94
CA LYS C 78 14.72 -22.63 -17.49
C LYS C 78 15.90 -22.10 -18.31
N GLN C 79 15.69 -21.03 -19.10
CA GLN C 79 16.76 -20.47 -19.93
C GLN C 79 17.93 -19.92 -19.12
N SER C 80 17.71 -19.46 -17.87
CA SER C 80 18.79 -18.89 -17.07
C SER C 80 19.86 -19.90 -16.63
N PHE C 81 19.54 -21.20 -16.57
CA PHE C 81 20.50 -22.23 -16.17
C PHE C 81 21.41 -22.64 -17.37
N PRO C 82 22.67 -23.09 -17.16
CA PRO C 82 23.32 -23.35 -15.85
C PRO C 82 23.82 -22.14 -15.07
N GLU C 83 23.89 -20.94 -15.67
CA GLU C 83 24.40 -19.74 -14.99
C GLU C 83 23.64 -19.46 -13.68
N GLY C 84 22.33 -19.65 -13.74
CA GLY C 84 21.44 -19.47 -12.61
C GLY C 84 20.63 -18.19 -12.67
N MET C 85 19.88 -17.98 -11.61
CA MET C 85 19.03 -16.81 -11.46
C MET C 85 18.81 -16.52 -9.99
N SER C 86 18.16 -15.40 -9.72
CA SER C 86 17.73 -15.05 -8.40
C SER C 86 16.29 -14.52 -8.51
N TRP C 87 15.57 -14.47 -7.38
CA TRP C 87 14.21 -13.91 -7.36
C TRP C 87 14.04 -13.16 -6.05
N GLU C 88 13.34 -12.06 -6.02
CA GLU C 88 13.10 -11.24 -4.84
C GLU C 88 11.60 -10.98 -4.77
N ARG C 89 11.08 -10.82 -3.56
CA ARG C 89 9.62 -10.68 -3.39
C ARG C 89 9.19 -9.97 -2.11
N SER C 90 8.15 -9.17 -2.18
CA SER C 90 7.51 -8.56 -1.03
C SER C 90 6.09 -9.19 -0.93
N MET C 91 5.64 -9.45 0.30
CA MET C 91 4.34 -10.02 0.58
C MET C 91 3.65 -9.08 1.58
N ILE C 92 2.64 -8.34 1.10
CA ILE C 92 1.91 -7.39 1.93
C ILE C 92 0.57 -8.02 2.33
N PHE C 93 0.36 -8.21 3.63
CA PHE C 93 -0.85 -8.80 4.18
C PHE C 93 -1.91 -7.70 4.37
N GLU C 94 -3.17 -8.10 4.53
CA GLU C 94 -4.27 -7.16 4.76
C GLU C 94 -4.19 -6.41 6.10
N ASP C 95 -3.45 -6.96 7.05
CA ASP C 95 -3.41 -6.46 8.43
C ASP C 95 -2.08 -5.80 8.83
N GLY C 96 -1.32 -5.32 7.85
CA GLY C 96 -0.08 -4.62 8.12
C GLY C 96 1.15 -5.49 8.11
N GLY C 97 1.00 -6.81 8.20
CA GLY C 97 2.14 -7.71 8.18
C GLY C 97 2.86 -7.62 6.85
N VAL C 98 4.22 -7.66 6.87
CA VAL C 98 5.05 -7.62 5.67
C VAL C 98 6.10 -8.70 5.76
N CYS C 99 6.20 -9.53 4.73
CA CYS C 99 7.29 -10.49 4.61
C CYS C 99 8.07 -10.18 3.33
N THR C 100 9.39 -10.33 3.39
CA THR C 100 10.26 -10.17 2.24
C THR C 100 11.03 -11.49 2.10
N ALA C 101 11.17 -11.97 0.88
CA ALA C 101 11.87 -13.20 0.59
C ALA C 101 12.77 -12.99 -0.65
N SER C 102 13.94 -13.61 -0.66
CA SER C 102 14.84 -13.54 -1.82
C SER C 102 15.61 -14.83 -1.92
N ASN C 103 15.92 -15.23 -3.16
CA ASN C 103 16.56 -16.50 -3.45
C ASN C 103 17.70 -16.36 -4.44
N HIS C 104 18.59 -17.35 -4.45
CA HIS C 104 19.66 -17.54 -5.41
C HIS C 104 19.51 -18.98 -5.84
N SER C 105 19.24 -19.21 -7.14
CA SER C 105 19.07 -20.56 -7.69
C SER C 105 20.26 -20.89 -8.57
N SER C 106 20.90 -22.01 -8.30
CA SER C 106 22.03 -22.51 -9.09
C SER C 106 21.78 -24.00 -9.41
N ILE C 107 22.72 -24.65 -10.10
CA ILE C 107 22.58 -26.05 -10.45
C ILE C 107 23.85 -26.84 -10.17
N ASN C 108 23.68 -28.09 -9.74
CA ASN C 108 24.78 -29.03 -9.53
C ASN C 108 24.60 -30.03 -10.68
N LEU C 109 25.24 -29.76 -11.82
CA LEU C 109 25.12 -30.59 -13.00
C LEU C 109 25.40 -32.08 -12.77
N GLN C 110 26.36 -32.38 -11.89
CA GLN C 110 26.66 -33.77 -11.55
C GLN C 110 25.44 -34.45 -10.92
N GLU C 111 24.85 -33.83 -9.89
CA GLU C 111 23.73 -34.43 -9.17
C GLU C 111 22.36 -34.21 -9.85
N ASN C 112 22.29 -33.38 -10.93
CA ASN C 112 21.02 -33.03 -11.63
C ASN C 112 20.05 -32.44 -10.58
N CYS C 113 20.58 -31.54 -9.75
CA CYS C 113 19.87 -30.97 -8.62
C CYS C 113 20.00 -29.45 -8.60
N PHE C 114 18.88 -28.73 -8.38
CA PHE C 114 18.87 -27.28 -8.27
C PHE C 114 19.16 -26.88 -6.82
N ILE C 115 20.02 -25.88 -6.62
CA ILE C 115 20.41 -25.41 -5.30
C ILE C 115 19.74 -24.09 -5.04
N TYR C 116 18.93 -24.02 -3.99
CA TYR C 116 18.24 -22.78 -3.62
C TYR C 116 18.78 -22.28 -2.29
N ASP C 117 19.17 -21.00 -2.21
CA ASP C 117 19.60 -20.38 -0.96
C ASP C 117 18.66 -19.22 -0.78
N VAL C 118 17.81 -19.30 0.25
CA VAL C 118 16.73 -18.35 0.48
C VAL C 118 16.87 -17.59 1.80
N LYS C 119 16.40 -16.34 1.79
CA LYS C 119 16.35 -15.46 2.94
CA LYS C 119 16.35 -15.46 2.94
C LYS C 119 14.87 -15.06 3.13
N PHE C 120 14.37 -15.04 4.38
CA PHE C 120 12.95 -14.71 4.64
C PHE C 120 12.88 -13.84 5.87
N HIS C 121 12.12 -12.75 5.83
CA HIS C 121 11.99 -11.83 6.94
C HIS C 121 10.53 -11.45 7.09
N GLY C 122 9.97 -11.64 8.29
CA GLY C 122 8.59 -11.30 8.60
C GLY C 122 8.52 -10.28 9.72
N VAL C 123 7.82 -9.15 9.48
CA VAL C 123 7.71 -8.07 10.45
C VAL C 123 6.27 -7.60 10.62
N ASN C 124 5.99 -6.99 11.78
CA ASN C 124 4.70 -6.42 12.15
C ASN C 124 3.49 -7.35 11.92
N LEU C 125 3.68 -8.67 12.12
CA LEU C 125 2.58 -9.63 12.03
C LEU C 125 1.74 -9.40 13.26
N PRO C 126 0.45 -8.98 13.16
CA PRO C 126 -0.32 -8.71 14.39
C PRO C 126 -0.40 -9.94 15.31
N PRO C 127 -0.26 -9.78 16.64
CA PRO C 127 -0.27 -10.96 17.53
C PRO C 127 -1.54 -11.81 17.50
N ASP C 128 -2.70 -11.19 17.23
CA ASP C 128 -3.96 -11.90 17.12
C ASP C 128 -4.38 -12.13 15.65
N GLY C 129 -3.48 -11.90 14.68
CA GLY C 129 -3.75 -12.12 13.27
C GLY C 129 -3.63 -13.59 12.88
N PRO C 130 -4.10 -13.97 11.69
CA PRO C 130 -4.06 -15.40 11.31
C PRO C 130 -2.67 -16.06 11.22
N VAL C 131 -1.60 -15.30 10.99
CA VAL C 131 -0.26 -15.87 10.89
C VAL C 131 0.24 -16.29 12.29
N MET C 132 0.22 -15.37 13.26
CA MET C 132 0.67 -15.68 14.62
C MET C 132 -0.31 -16.59 15.36
N GLN C 133 -1.61 -16.48 15.09
CA GLN C 133 -2.59 -17.38 15.71
C GLN C 133 -2.66 -18.75 15.01
N LYS C 134 -1.95 -18.95 13.89
CA LYS C 134 -1.95 -20.24 13.18
C LYS C 134 -3.36 -20.70 12.79
N THR C 135 -4.20 -19.74 12.32
CA THR C 135 -5.55 -20.05 11.87
C THR C 135 -5.63 -20.13 10.32
N ILE C 136 -4.47 -20.32 9.63
CA ILE C 136 -4.46 -20.44 8.18
C ILE C 136 -4.57 -21.92 7.85
N ALA C 137 -5.55 -22.29 7.03
CA ALA C 137 -5.73 -23.68 6.61
C ALA C 137 -4.82 -24.08 5.43
N GLY C 138 -4.45 -23.10 4.62
CA GLY C 138 -3.58 -23.28 3.46
C GLY C 138 -3.86 -22.23 2.40
N TRP C 139 -3.11 -22.28 1.28
CA TRP C 139 -3.31 -21.34 0.19
C TRP C 139 -4.37 -21.86 -0.77
N GLU C 140 -5.11 -20.93 -1.37
CA GLU C 140 -6.01 -21.27 -2.47
C GLU C 140 -5.12 -21.34 -3.73
N PRO C 141 -5.55 -21.97 -4.85
CA PRO C 141 -4.78 -21.79 -6.10
C PRO C 141 -4.73 -20.29 -6.48
N SER C 142 -3.78 -19.91 -7.32
CA SER C 142 -3.53 -18.51 -7.67
C SER C 142 -3.16 -18.33 -9.13
N VAL C 143 -3.35 -17.14 -9.67
CA VAL C 143 -2.96 -16.82 -11.05
C VAL C 143 -2.02 -15.65 -10.92
N GLU C 144 -0.79 -15.85 -11.38
CA GLU C 144 0.29 -14.88 -11.36
C GLU C 144 0.29 -14.14 -12.72
N THR C 145 0.49 -12.82 -12.72
CA THR C 145 0.54 -12.00 -13.93
C THR C 145 1.99 -11.55 -14.12
N LEU C 146 2.64 -11.94 -15.25
CA LEU C 146 4.05 -11.66 -15.52
C LEU C 146 4.31 -10.79 -16.76
N TYR C 147 5.25 -9.85 -16.66
CA TYR C 147 5.68 -8.94 -17.73
C TYR C 147 7.11 -8.48 -17.47
N VAL C 148 7.85 -8.12 -18.55
CA VAL C 148 9.21 -7.67 -18.38
C VAL C 148 9.29 -6.18 -17.93
N ARG C 149 10.29 -5.89 -17.12
CA ARG C 149 10.58 -4.55 -16.58
C ARG C 149 12.11 -4.49 -16.42
N ASP C 150 12.78 -3.61 -17.18
CA ASP C 150 14.23 -3.48 -17.13
C ASP C 150 14.98 -4.80 -17.45
N GLY C 151 14.49 -5.58 -18.41
CA GLY C 151 15.14 -6.85 -18.78
C GLY C 151 14.99 -7.99 -17.79
N MET C 152 14.25 -7.75 -16.69
CA MET C 152 13.97 -8.74 -15.65
CA MET C 152 13.97 -8.74 -15.65
C MET C 152 12.48 -9.12 -15.80
N LEU C 153 12.04 -10.24 -15.21
CA LEU C 153 10.64 -10.62 -15.32
C LEU C 153 9.92 -10.24 -14.03
N LYS C 154 9.06 -9.23 -14.07
CA LYS C 154 8.29 -8.80 -12.90
C LYS C 154 6.90 -9.51 -12.87
N SER C 155 6.37 -9.82 -11.67
CA SER C 155 5.08 -10.44 -11.55
C SER C 155 4.24 -9.95 -10.35
N ASP C 156 2.93 -10.05 -10.50
CA ASP C 156 1.97 -9.71 -9.43
C ASP C 156 1.10 -10.88 -9.15
N THR C 157 0.82 -11.19 -7.89
CA THR C 157 -0.09 -12.30 -7.52
C THR C 157 -0.92 -11.96 -6.28
N ALA C 158 -2.25 -12.03 -6.34
CA ALA C 158 -3.08 -11.85 -5.16
C ALA C 158 -3.10 -13.26 -4.63
N MET C 159 -2.20 -13.59 -3.72
CA MET C 159 -2.13 -14.93 -3.12
C MET C 159 -3.10 -14.93 -1.93
N VAL C 160 -4.22 -15.65 -2.02
CA VAL C 160 -5.26 -15.67 -1.01
C VAL C 160 -5.23 -16.97 -0.22
N PHE C 161 -5.19 -16.89 1.12
CA PHE C 161 -5.23 -18.11 1.93
C PHE C 161 -6.59 -18.30 2.59
N LYS C 162 -6.93 -19.57 2.83
CA LYS C 162 -8.19 -19.99 3.45
C LYS C 162 -8.00 -19.96 4.94
N LEU C 163 -8.93 -19.38 5.69
CA LEU C 163 -8.86 -19.39 7.15
C LEU C 163 -9.59 -20.64 7.65
N LYS C 164 -9.12 -21.21 8.79
CA LYS C 164 -9.80 -22.34 9.43
C LYS C 164 -11.10 -21.74 9.99
N GLY C 165 -12.23 -22.31 9.60
CA GLY C 165 -13.53 -21.77 9.95
C GLY C 165 -14.16 -20.94 8.84
N GLY C 166 -13.50 -20.87 7.68
CA GLY C 166 -14.03 -20.17 6.53
C GLY C 166 -13.55 -18.75 6.43
N GLY C 167 -13.66 -18.19 5.24
CA GLY C 167 -13.19 -16.84 4.99
C GLY C 167 -11.81 -16.88 4.37
N HIS C 168 -11.40 -15.74 3.81
CA HIS C 168 -10.14 -15.59 3.11
C HIS C 168 -9.37 -14.36 3.54
N HIS C 169 -8.08 -14.37 3.25
CA HIS C 169 -7.20 -13.27 3.57
C HIS C 169 -6.19 -13.15 2.43
N ARG C 170 -6.14 -11.96 1.81
CA ARG C 170 -5.29 -11.71 0.66
C ARG C 170 -3.90 -11.20 1.07
N VAL C 171 -2.87 -11.65 0.35
CA VAL C 171 -1.48 -11.24 0.51
C VAL C 171 -1.00 -10.85 -0.90
N ASP C 172 -0.67 -9.56 -1.08
CA ASP C 172 -0.16 -9.09 -2.36
C ASP C 172 1.32 -9.46 -2.52
N PHE C 173 1.65 -10.26 -3.55
CA PHE C 173 3.02 -10.69 -3.85
C PHE C 173 3.52 -9.89 -5.02
N LYS C 174 4.63 -9.13 -4.86
CA LYS C 174 5.30 -8.43 -5.95
C LYS C 174 6.66 -9.15 -6.05
N THR C 175 6.93 -9.84 -7.17
CA THR C 175 8.18 -10.58 -7.35
C THR C 175 8.94 -10.10 -8.59
N THR C 176 10.29 -10.18 -8.51
CA THR C 176 11.16 -9.90 -9.64
C THR C 176 12.03 -11.11 -9.83
N TYR C 177 12.04 -11.68 -11.02
CA TYR C 177 12.92 -12.78 -11.37
C TYR C 177 14.08 -12.19 -12.13
N LYS C 178 15.31 -12.57 -11.78
CA LYS C 178 16.52 -12.00 -12.36
C LYS C 178 17.48 -13.08 -12.86
N ALA C 179 17.47 -13.33 -14.16
CA ALA C 179 18.40 -14.28 -14.77
C ALA C 179 19.81 -13.71 -14.69
N LYS C 180 20.85 -14.56 -14.41
CA LYS C 180 22.23 -14.07 -14.32
C LYS C 180 22.80 -13.67 -15.69
N LYS C 181 22.33 -14.30 -16.77
CA LYS C 181 22.76 -13.95 -18.13
C LYS C 181 21.53 -13.62 -18.99
N PRO C 182 21.67 -12.86 -20.10
CA PRO C 182 20.46 -12.56 -20.90
C PRO C 182 19.81 -13.79 -21.49
N VAL C 183 18.48 -13.80 -21.51
CA VAL C 183 17.66 -14.89 -22.04
C VAL C 183 16.59 -14.27 -22.96
N LYS C 184 15.90 -15.12 -23.76
CA LYS C 184 14.80 -14.66 -24.62
C LYS C 184 13.65 -14.29 -23.69
N LEU C 185 13.30 -13.01 -23.64
CA LEU C 185 12.27 -12.53 -22.73
C LEU C 185 10.89 -12.87 -23.23
N PRO C 186 9.94 -13.26 -22.36
CA PRO C 186 8.58 -13.56 -22.84
C PRO C 186 7.70 -12.31 -22.87
N GLU C 187 6.64 -12.38 -23.66
CA GLU C 187 5.63 -11.33 -23.70
C GLU C 187 4.73 -11.53 -22.44
N PHE C 188 3.89 -10.52 -22.14
CA PHE C 188 2.95 -10.53 -21.02
C PHE C 188 2.13 -11.84 -20.99
N HIS C 189 2.09 -12.53 -19.85
CA HIS C 189 1.35 -13.81 -19.75
C HIS C 189 0.99 -14.12 -18.29
N PHE C 190 0.29 -15.24 -18.07
CA PHE C 190 -0.15 -15.68 -16.76
C PHE C 190 0.46 -17.01 -16.38
N VAL C 191 0.51 -17.32 -15.08
CA VAL C 191 0.95 -18.62 -14.60
C VAL C 191 -0.05 -19.07 -13.55
N GLU C 192 -0.71 -20.23 -13.78
CA GLU C 192 -1.62 -20.85 -12.83
C GLU C 192 -0.71 -21.51 -11.79
N HIS C 193 -1.08 -21.41 -10.52
CA HIS C 193 -0.29 -21.97 -9.40
C HIS C 193 -1.21 -22.71 -8.43
N ARG C 194 -0.85 -23.90 -7.95
CA ARG C 194 -1.60 -24.59 -6.91
C ARG C 194 -0.56 -25.21 -5.98
N LEU C 195 -0.37 -24.55 -4.83
CA LEU C 195 0.61 -24.97 -3.81
C LEU C 195 -0.15 -25.65 -2.68
N GLU C 196 0.25 -26.84 -2.31
CA GLU C 196 -0.44 -27.60 -1.27
C GLU C 196 0.57 -28.20 -0.28
N LEU C 197 0.28 -28.09 1.02
CA LEU C 197 1.05 -28.69 2.10
C LEU C 197 0.26 -29.96 2.38
N THR C 198 0.78 -31.14 1.95
CA THR C 198 0.03 -32.40 2.01
C THR C 198 0.21 -33.27 3.25
N LYS C 199 1.39 -33.33 3.83
CA LYS C 199 1.64 -34.14 5.03
C LYS C 199 2.51 -33.36 6.02
N HIS C 200 2.45 -33.69 7.33
CA HIS C 200 3.26 -33.00 8.34
C HIS C 200 3.20 -33.69 9.69
N ASP C 201 4.21 -33.43 10.55
CA ASP C 201 4.19 -33.90 11.92
C ASP C 201 3.38 -32.84 12.75
N LYS C 202 2.89 -33.21 13.94
CA LYS C 202 1.98 -32.35 14.73
C LYS C 202 2.37 -30.85 14.82
N ASP C 203 3.65 -30.54 15.07
CA ASP C 203 4.09 -29.14 15.25
C ASP C 203 4.80 -28.55 14.03
N PHE C 204 4.63 -29.15 12.85
CA PHE C 204 5.20 -28.65 11.60
C PHE C 204 6.72 -28.45 11.66
N THR C 205 7.45 -29.40 12.27
CA THR C 205 8.92 -29.36 12.22
C THR C 205 9.35 -29.99 10.86
N THR C 206 8.55 -30.91 10.28
CA THR C 206 8.76 -31.48 8.96
C THR C 206 7.43 -31.48 8.21
N TRP C 207 7.48 -31.37 6.87
CA TRP C 207 6.26 -31.38 6.05
C TRP C 207 6.53 -31.58 4.57
N ASP C 208 5.51 -32.01 3.83
CA ASP C 208 5.57 -32.21 2.40
C ASP C 208 4.76 -31.12 1.75
N GLN C 209 5.35 -30.46 0.76
CA GLN C 209 4.64 -29.42 -0.01
C GLN C 209 4.85 -29.69 -1.49
N GLN C 210 3.81 -29.50 -2.29
CA GLN C 210 3.85 -29.71 -3.73
C GLN C 210 3.30 -28.50 -4.46
N GLU C 211 3.62 -28.37 -5.73
CA GLU C 211 3.16 -27.24 -6.55
C GLU C 211 2.97 -27.63 -7.99
N ALA C 212 1.84 -27.26 -8.57
CA ALA C 212 1.53 -27.42 -9.98
C ALA C 212 1.53 -25.98 -10.57
N ALA C 213 2.24 -25.76 -11.68
CA ALA C 213 2.35 -24.44 -12.30
C ALA C 213 2.33 -24.51 -13.82
N GLU C 214 1.50 -23.70 -14.47
CA GLU C 214 1.34 -23.68 -15.92
C GLU C 214 1.20 -22.25 -16.45
N GLY C 215 2.06 -21.88 -17.38
CA GLY C 215 2.04 -20.59 -18.05
C GLY C 215 1.12 -20.60 -19.24
N HIS C 216 0.47 -19.48 -19.52
CA HIS C 216 -0.41 -19.35 -20.66
C HIS C 216 -0.79 -17.90 -20.95
N PHE C 217 -1.08 -17.58 -22.20
CA PHE C 217 -1.64 -16.31 -22.58
C PHE C 217 -3.15 -16.37 -22.23
N SER C 218 -3.88 -15.24 -22.30
CA SER C 218 -5.29 -15.23 -22.00
C SER C 218 -6.04 -16.11 -23.00
N PRO C 219 -6.98 -16.94 -22.55
CA PRO C 219 -7.77 -17.75 -23.49
C PRO C 219 -8.84 -16.95 -24.26
N LEU C 220 -9.12 -15.68 -23.84
CA LEU C 220 -10.16 -14.87 -24.45
C LEU C 220 -9.73 -14.29 -25.79
N PRO C 221 -10.59 -14.33 -26.82
CA PRO C 221 -10.19 -13.76 -28.12
C PRO C 221 -10.21 -12.22 -28.13
N LYS C 222 -9.36 -11.64 -29.02
CA LYS C 222 -9.25 -10.19 -29.23
C LYS C 222 -10.33 -9.70 -30.21
N VAL D 3 19.74 1.09 35.90
CA VAL D 3 20.62 0.37 34.97
C VAL D 3 21.07 1.26 33.78
N ILE D 4 20.27 2.27 33.41
CA ILE D 4 20.64 3.18 32.32
C ILE D 4 21.37 4.41 32.87
N LYS D 5 22.72 4.39 32.88
CA LYS D 5 23.56 5.51 33.36
C LYS D 5 23.43 6.74 32.39
N GLN D 6 23.80 7.94 32.85
CA GLN D 6 23.68 9.18 32.07
C GLN D 6 24.42 9.14 30.69
N VAL D 7 25.51 8.37 30.61
CA VAL D 7 26.29 8.10 29.40
C VAL D 7 26.30 6.57 29.25
N MET D 8 26.00 6.06 28.04
CA MET D 8 25.96 4.62 27.77
C MET D 8 26.64 4.33 26.43
N LYS D 9 27.26 3.15 26.29
CA LYS D 9 27.91 2.67 25.07
C LYS D 9 26.97 1.70 24.31
N THR D 10 27.25 1.45 23.01
CA THR D 10 26.45 0.57 22.17
C THR D 10 27.37 -0.32 21.31
N LYS D 11 26.97 -1.58 21.12
CA LYS D 11 27.70 -2.57 20.32
C LYS D 11 26.65 -3.21 19.42
N LEU D 12 26.75 -3.01 18.11
CA LEU D 12 25.75 -3.49 17.16
C LEU D 12 26.31 -4.48 16.15
N HIS D 13 25.48 -5.48 15.76
CA HIS D 13 25.81 -6.48 14.76
C HIS D 13 24.60 -6.62 13.84
N LEU D 14 24.76 -6.35 12.56
CA LEU D 14 23.68 -6.44 11.58
C LEU D 14 24.07 -7.40 10.46
N GLU D 15 23.14 -8.22 10.05
CA GLU D 15 23.30 -9.12 8.92
C GLU D 15 22.19 -8.73 7.94
N GLY D 16 22.56 -8.43 6.70
CA GLY D 16 21.57 -8.01 5.72
C GLY D 16 21.71 -8.64 4.36
N THR D 17 20.65 -8.57 3.57
CA THR D 17 20.61 -9.01 2.18
C THR D 17 19.77 -7.98 1.45
N VAL D 18 20.38 -7.16 0.56
CA VAL D 18 19.69 -6.12 -0.20
C VAL D 18 19.99 -6.36 -1.67
N ASN D 19 18.96 -6.48 -2.53
CA ASN D 19 19.18 -6.75 -3.95
C ASN D 19 19.99 -8.04 -4.18
N GLY D 20 19.75 -9.04 -3.32
CA GLY D 20 20.45 -10.31 -3.37
C GLY D 20 21.91 -10.22 -2.97
N HIS D 21 22.33 -9.12 -2.34
CA HIS D 21 23.71 -8.91 -1.94
C HIS D 21 23.80 -9.06 -0.43
N ASP D 22 24.58 -10.03 0.06
CA ASP D 22 24.72 -10.27 1.51
C ASP D 22 25.80 -9.37 2.09
N PHE D 23 25.64 -8.96 3.35
CA PHE D 23 26.61 -8.09 4.01
C PHE D 23 26.45 -8.14 5.53
N THR D 24 27.54 -7.82 6.25
CA THR D 24 27.57 -7.77 7.72
C THR D 24 28.07 -6.39 8.11
N ILE D 25 27.39 -5.74 9.05
CA ILE D 25 27.80 -4.43 9.54
C ILE D 25 28.01 -4.53 11.05
N GLU D 26 29.07 -3.89 11.53
CA GLU D 26 29.42 -3.89 12.92
C GLU D 26 29.47 -2.41 13.36
N GLY D 27 28.76 -2.08 14.44
CA GLY D 27 28.73 -0.74 14.97
C GLY D 27 29.23 -0.67 16.40
N LYS D 28 29.78 0.49 16.78
CA LYS D 28 30.27 0.75 18.14
C LYS D 28 30.02 2.23 18.41
N GLY D 29 29.22 2.54 19.42
CA GLY D 29 28.88 3.92 19.69
C GLY D 29 28.67 4.30 21.15
N GLU D 30 28.15 5.50 21.33
CA GLU D 30 27.92 6.07 22.64
C GLU D 30 26.87 7.18 22.58
N GLY D 31 26.24 7.45 23.71
CA GLY D 31 25.25 8.51 23.79
C GLY D 31 24.82 8.84 25.19
N LYS D 32 23.99 9.87 25.31
CA LYS D 32 23.43 10.33 26.56
C LYS D 32 21.95 9.95 26.51
N PRO D 33 21.55 8.81 27.12
CA PRO D 33 20.16 8.36 26.98
C PRO D 33 19.06 9.35 27.35
N TYR D 34 19.26 10.13 28.42
CA TYR D 34 18.27 11.10 28.89
C TYR D 34 18.25 12.38 28.05
N GLU D 35 19.32 12.68 27.30
CA GLU D 35 19.37 13.85 26.41
C GLU D 35 18.89 13.55 24.98
N GLY D 36 18.69 12.28 24.62
CA GLY D 36 18.23 11.90 23.29
C GLY D 36 19.30 12.08 22.23
N LEU D 37 20.57 11.95 22.60
CA LEU D 37 21.69 12.11 21.69
C LEU D 37 22.53 10.86 21.64
N GLN D 38 22.99 10.48 20.45
CA GLN D 38 23.85 9.29 20.26
C GLN D 38 24.67 9.42 18.98
N HIS D 39 25.65 8.54 18.80
CA HIS D 39 26.51 8.46 17.60
C HIS D 39 26.99 7.03 17.53
N MET D 40 27.28 6.51 16.35
CA MET D 40 27.83 5.14 16.19
C MET D 40 28.77 5.15 14.98
N LYS D 41 29.87 4.42 15.05
CA LYS D 41 30.81 4.24 13.95
C LYS D 41 30.47 2.88 13.33
N MET D 42 30.12 2.85 12.05
CA MET D 42 29.74 1.60 11.35
C MET D 42 30.89 1.11 10.51
N THR D 43 30.98 -0.20 10.33
CA THR D 43 32.02 -0.84 9.53
C THR D 43 31.39 -2.04 8.81
N VAL D 44 31.46 -2.04 7.48
CA VAL D 44 30.94 -3.11 6.66
C VAL D 44 32.03 -4.19 6.70
N THR D 45 31.86 -5.19 7.59
CA THR D 45 32.85 -6.26 7.78
C THR D 45 32.76 -7.35 6.69
N LYS D 46 31.63 -7.47 5.98
CA LYS D 46 31.45 -8.40 4.87
C LYS D 46 30.57 -7.76 3.81
N GLY D 47 30.83 -8.07 2.55
CA GLY D 47 30.05 -7.55 1.44
C GLY D 47 30.41 -6.14 1.01
N ALA D 48 31.51 -5.57 1.53
CA ALA D 48 31.95 -4.23 1.12
C ALA D 48 32.65 -4.33 -0.24
N PRO D 49 32.53 -3.33 -1.14
CA PRO D 49 31.74 -2.10 -1.01
C PRO D 49 30.27 -2.39 -1.33
N LEU D 50 29.34 -1.74 -0.62
CA LEU D 50 27.91 -2.02 -0.80
C LEU D 50 27.39 -1.42 -2.12
N PRO D 51 26.68 -2.22 -2.94
CA PRO D 51 26.18 -1.70 -4.23
C PRO D 51 24.91 -0.82 -4.17
N PHE D 52 24.49 -0.40 -2.98
CA PHE D 52 23.29 0.41 -2.80
C PHE D 52 23.58 1.57 -1.81
N SER D 53 22.65 2.54 -1.71
CA SER D 53 22.82 3.66 -0.77
C SER D 53 22.79 3.19 0.70
N VAL D 54 23.86 3.47 1.47
CA VAL D 54 23.92 3.09 2.89
C VAL D 54 22.85 3.79 3.74
N HIS D 55 22.24 4.87 3.23
CA HIS D 55 21.19 5.61 3.94
C HIS D 55 19.97 4.73 4.24
N ILE D 56 19.66 3.72 3.39
CA ILE D 56 18.53 2.83 3.68
C ILE D 56 18.75 2.07 5.01
N LEU D 57 20.01 1.86 5.42
CA LEU D 57 20.39 1.12 6.63
C LEU D 57 20.51 1.98 7.90
N THR D 58 20.84 3.26 7.77
CA THR D 58 21.13 4.16 8.92
C THR D 58 19.99 4.18 9.94
N PRO D 59 18.69 4.24 9.57
CA PRO D 59 17.63 4.36 10.58
C PRO D 59 17.41 3.07 11.36
N SER D 60 18.12 2.00 11.04
CA SER D 60 18.02 0.68 11.71
C SER D 60 19.16 0.48 12.70
N HIS D 61 20.07 1.45 12.85
CA HIS D 61 21.29 1.29 13.70
C HIS D 61 21.05 1.97 15.02
N1 NRQ D 62 19.88 2.33 15.28
CE NRQ D 62 23.59 6.05 15.74
SD NRQ D 62 22.00 6.69 15.23
CG1 NRQ D 62 21.22 5.18 14.62
CB1 NRQ D 62 20.26 4.68 15.66
CA1 NRQ D 62 19.40 3.49 15.30
C1 NRQ D 62 17.95 3.64 15.09
N2 NRQ D 62 17.41 4.81 14.78
OH NRQ D 62 14.27 9.92 11.33
CD2 NRQ D 62 15.92 7.15 13.01
CE2 NRQ D 62 15.72 8.23 12.16
CZ NRQ D 62 14.45 8.79 12.07
CE1 NRQ D 62 13.39 8.25 12.78
CD1 NRQ D 62 13.62 7.16 13.61
CG2 NRQ D 62 14.89 6.60 13.76
CB2 NRQ D 62 15.04 5.51 14.71
CA2 NRQ D 62 16.04 4.62 14.86
C2 NRQ D 62 15.76 3.21 15.23
O2 NRQ D 62 14.71 2.64 15.46
N3 NRQ D 62 17.01 2.66 15.32
CA3 NRQ D 62 17.20 1.22 15.52
C3 NRQ D 62 17.99 0.87 16.77
O3 NRQ D 62 18.58 -0.16 16.94
HE1A NRQ D 62 23.53 5.04 16.13
HE2A NRQ D 62 24.31 6.06 14.92
HE3 NRQ D 62 23.97 6.69 16.54
HG11 NRQ D 62 20.71 5.41 13.68
HG12 NRQ D 62 21.98 4.43 14.38
HB11 NRQ D 62 20.85 4.40 16.54
HB12 NRQ D 62 19.63 5.50 15.97
HOH NRQ D 62 14.73 9.82 10.46
HD2 NRQ D 62 16.94 6.75 13.06
HE2 NRQ D 62 16.53 8.61 11.56
HE1 NRQ D 62 12.39 8.65 12.69
HD1 NRQ D 62 12.77 6.76 14.16
HB2 NRQ D 62 14.24 5.42 15.44
HA31 NRQ D 62 16.25 0.70 15.55
HA32 NRQ D 62 17.68 0.79 14.66
N SER D 63 17.98 1.87 17.64
CA SER D 63 18.65 1.86 18.97
C SER D 63 17.80 2.79 19.82
N LYS D 64 16.82 2.26 20.55
CA LYS D 64 15.79 3.13 21.20
C LYS D 64 15.96 3.56 22.66
N PRO D 65 16.98 3.18 23.48
CA PRO D 65 17.08 3.76 24.83
C PRO D 65 17.55 5.22 24.86
N PHE D 66 17.88 5.82 23.68
CA PHE D 66 18.34 7.21 23.59
C PHE D 66 17.27 8.10 23.01
N ASN D 67 16.22 8.29 23.80
CA ASN D 67 15.08 9.15 23.45
C ASN D 67 14.87 10.09 24.64
N LYS D 68 14.89 11.41 24.40
CA LYS D 68 14.64 12.37 25.47
C LYS D 68 13.12 12.42 25.63
N TYR D 69 12.60 12.24 26.84
CA TYR D 69 11.15 12.27 27.07
C TYR D 69 10.82 13.12 28.28
N PRO D 70 9.70 13.87 28.29
CA PRO D 70 9.33 14.58 29.53
C PRO D 70 8.85 13.61 30.61
N ALA D 71 8.75 14.09 31.84
CA ALA D 71 8.31 13.26 32.96
C ALA D 71 6.90 12.67 32.79
N ASP D 72 6.00 13.38 32.07
CA ASP D 72 4.62 12.93 31.88
C ASP D 72 4.42 11.97 30.66
N ILE D 73 5.51 11.53 30.00
CA ILE D 73 5.41 10.55 28.93
C ILE D 73 6.32 9.40 29.35
N PRO D 74 5.76 8.23 29.73
CA PRO D 74 6.63 7.10 30.08
C PRO D 74 7.53 6.68 28.91
N ASP D 75 8.82 6.45 29.18
CA ASP D 75 9.77 6.04 28.16
C ASP D 75 9.63 4.53 28.00
N TYR D 76 8.93 4.09 26.94
CA TYR D 76 8.68 2.67 26.71
C TYR D 76 9.97 1.85 26.57
N HIS D 77 10.97 2.44 25.92
CA HIS D 77 12.23 1.77 25.59
C HIS D 77 13.15 1.62 26.79
N LYS D 78 13.34 2.70 27.56
CA LYS D 78 14.19 2.65 28.75
C LYS D 78 13.61 1.67 29.78
N GLN D 79 12.27 1.66 29.96
CA GLN D 79 11.62 0.78 30.93
C GLN D 79 11.82 -0.70 30.63
N SER D 80 12.03 -1.06 29.35
CA SER D 80 12.20 -2.46 28.98
C SER D 80 13.54 -3.07 29.45
N PHE D 81 14.54 -2.26 29.87
CA PHE D 81 15.81 -2.80 30.37
C PHE D 81 15.77 -3.05 31.89
N PRO D 82 16.55 -4.02 32.42
CA PRO D 82 17.53 -4.89 31.75
C PRO D 82 17.00 -6.07 30.93
N GLU D 83 15.70 -6.42 31.03
CA GLU D 83 15.10 -7.55 30.29
C GLU D 83 15.33 -7.43 28.78
N GLY D 84 15.20 -6.23 28.27
CA GLY D 84 15.39 -5.92 26.87
C GLY D 84 14.09 -5.71 26.11
N MET D 85 14.26 -5.38 24.84
CA MET D 85 13.15 -5.15 23.91
C MET D 85 13.60 -5.59 22.52
N SER D 86 12.69 -5.53 21.59
CA SER D 86 12.96 -5.81 20.19
C SER D 86 12.10 -4.84 19.35
N TRP D 87 12.49 -4.64 18.10
CA TRP D 87 11.67 -3.81 17.20
C TRP D 87 11.62 -4.47 15.83
N GLU D 88 10.54 -4.23 15.13
CA GLU D 88 10.32 -4.74 13.79
C GLU D 88 9.86 -3.54 12.94
N ARG D 89 10.19 -3.57 11.65
CA ARG D 89 9.88 -2.42 10.77
C ARG D 89 9.71 -2.80 9.32
N SER D 90 8.78 -2.17 8.64
CA SER D 90 8.66 -2.27 7.19
C SER D 90 8.93 -0.84 6.64
N MET D 91 9.63 -0.76 5.51
CA MET D 91 9.95 0.49 4.83
C MET D 91 9.48 0.35 3.39
N ILE D 92 8.39 1.06 3.05
CA ILE D 92 7.83 1.02 1.70
C ILE D 92 8.25 2.28 0.97
N PHE D 93 8.98 2.11 -0.11
CA PHE D 93 9.46 3.21 -0.95
C PHE D 93 8.39 3.61 -1.97
N GLU D 94 8.51 4.79 -2.56
CA GLU D 94 7.57 5.26 -3.59
C GLU D 94 7.62 4.45 -4.88
N ASP D 95 8.71 3.72 -5.13
CA ASP D 95 8.95 3.02 -6.39
C ASP D 95 8.87 1.50 -6.30
N GLY D 96 8.15 0.98 -5.31
CA GLY D 96 7.97 -0.45 -5.17
C GLY D 96 8.98 -1.16 -4.30
N GLY D 97 10.12 -0.51 -4.01
CA GLY D 97 11.13 -1.10 -3.14
C GLY D 97 10.58 -1.31 -1.75
N VAL D 98 10.93 -2.46 -1.11
CA VAL D 98 10.52 -2.79 0.24
C VAL D 98 11.71 -3.27 1.03
N CYS D 99 11.95 -2.67 2.19
CA CYS D 99 12.95 -3.16 3.14
C CYS D 99 12.24 -3.53 4.44
N THR D 100 12.70 -4.61 5.08
CA THR D 100 12.21 -5.04 6.37
C THR D 100 13.43 -5.12 7.29
N ALA D 101 13.29 -4.61 8.50
CA ALA D 101 14.36 -4.60 9.50
C ALA D 101 13.80 -5.05 10.84
N SER D 102 14.62 -5.70 11.64
CA SER D 102 14.21 -6.11 12.98
C SER D 102 15.41 -6.27 13.87
N ASN D 103 15.22 -5.89 15.13
CA ASN D 103 16.33 -5.89 16.10
C ASN D 103 15.94 -6.47 17.46
N HIS D 104 16.92 -6.97 18.17
CA HIS D 104 16.85 -7.52 19.52
C HIS D 104 17.83 -6.66 20.30
N SER D 105 17.35 -5.91 21.31
CA SER D 105 18.19 -5.05 22.14
C SER D 105 18.30 -5.64 23.52
N SER D 106 19.53 -5.83 23.99
CA SER D 106 19.80 -6.34 25.33
C SER D 106 20.86 -5.42 25.99
N ILE D 107 21.28 -5.73 27.22
CA ILE D 107 22.27 -4.92 27.92
C ILE D 107 23.35 -5.80 28.55
N ASN D 108 24.58 -5.30 28.54
CA ASN D 108 25.72 -5.94 29.20
C ASN D 108 25.98 -5.03 30.39
N LEU D 109 25.35 -5.32 31.54
CA LEU D 109 25.47 -4.49 32.74
C LEU D 109 26.93 -4.29 33.18
N GLN D 110 27.82 -5.32 33.00
CA GLN D 110 29.26 -5.24 33.37
C GLN D 110 29.97 -3.99 32.79
N GLU D 111 29.53 -3.56 31.62
CA GLU D 111 29.94 -2.32 30.97
C GLU D 111 28.67 -1.53 30.76
N ASN D 112 28.76 -0.20 30.70
CA ASN D 112 27.56 0.61 30.41
C ASN D 112 27.36 0.41 28.88
N CYS D 113 26.58 -0.63 28.45
CA CYS D 113 26.50 -0.97 27.03
C CYS D 113 25.23 -1.76 26.57
N PHE D 114 24.63 -1.31 25.46
CA PHE D 114 23.48 -1.97 24.84
C PHE D 114 23.95 -2.82 23.69
N ILE D 115 23.42 -4.04 23.58
CA ILE D 115 23.79 -4.95 22.51
C ILE D 115 22.62 -5.02 21.51
N TYR D 116 22.89 -4.73 20.24
CA TYR D 116 21.86 -4.78 19.20
C TYR D 116 22.19 -5.87 18.21
N ASP D 117 21.23 -6.75 17.90
CA ASP D 117 21.41 -7.78 16.87
C ASP D 117 20.31 -7.50 15.87
N VAL D 118 20.69 -7.03 14.67
CA VAL D 118 19.75 -6.59 13.63
C VAL D 118 19.76 -7.46 12.38
N LYS D 119 18.59 -7.57 11.72
CA LYS D 119 18.41 -8.24 10.44
C LYS D 119 17.85 -7.19 9.47
N PHE D 120 18.29 -7.20 8.21
CA PHE D 120 17.82 -6.25 7.21
C PHE D 120 17.64 -6.99 5.91
N HIS D 121 16.53 -6.73 5.22
CA HIS D 121 16.27 -7.37 3.93
C HIS D 121 15.69 -6.33 2.97
N GLY D 122 16.30 -6.17 1.80
CA GLY D 122 15.84 -5.24 0.78
C GLY D 122 15.50 -5.98 -0.49
N VAL D 123 14.27 -5.77 -1.02
CA VAL D 123 13.80 -6.44 -2.22
C VAL D 123 13.17 -5.45 -3.21
N ASN D 124 13.15 -5.84 -4.49
CA ASN D 124 12.54 -5.09 -5.59
C ASN D 124 12.95 -3.63 -5.66
N LEU D 125 14.20 -3.29 -5.30
CA LEU D 125 14.71 -1.94 -5.42
C LEU D 125 14.92 -1.70 -6.91
N PRO D 126 14.23 -0.75 -7.56
CA PRO D 126 14.42 -0.60 -9.02
C PRO D 126 15.88 -0.30 -9.38
N PRO D 127 16.43 -0.91 -10.47
CA PRO D 127 17.84 -0.70 -10.80
C PRO D 127 18.25 0.75 -11.08
N ASP D 128 17.34 1.56 -11.62
CA ASP D 128 17.60 2.97 -11.88
C ASP D 128 16.99 3.90 -10.79
N GLY D 129 16.53 3.34 -9.65
CA GLY D 129 15.98 4.10 -8.54
C GLY D 129 17.06 4.73 -7.68
N PRO D 130 16.71 5.68 -6.79
CA PRO D 130 17.74 6.35 -5.99
C PRO D 130 18.58 5.48 -5.05
N VAL D 131 18.07 4.32 -4.62
CA VAL D 131 18.82 3.44 -3.71
C VAL D 131 19.96 2.74 -4.49
N MET D 132 19.64 2.06 -5.61
CA MET D 132 20.65 1.38 -6.40
C MET D 132 21.57 2.35 -7.14
N GLN D 133 21.04 3.51 -7.58
CA GLN D 133 21.86 4.53 -8.24
C GLN D 133 22.67 5.38 -7.24
N LYS D 134 22.47 5.20 -5.90
CA LYS D 134 23.22 5.95 -4.91
C LYS D 134 23.10 7.47 -5.09
N THR D 135 21.88 7.95 -5.43
CA THR D 135 21.63 9.38 -5.58
C THR D 135 20.94 9.97 -4.32
N ILE D 136 21.03 9.29 -3.16
CA ILE D 136 20.43 9.79 -1.92
C ILE D 136 21.49 10.58 -1.20
N ALA D 137 21.19 11.84 -0.87
CA ALA D 137 22.14 12.71 -0.15
C ALA D 137 22.10 12.49 1.38
N GLY D 138 20.96 12.03 1.89
CA GLY D 138 20.74 11.76 3.29
C GLY D 138 19.27 11.90 3.66
N TRP D 139 18.95 11.66 4.93
CA TRP D 139 17.58 11.80 5.42
C TRP D 139 17.31 13.22 5.86
N GLU D 140 16.07 13.68 5.67
CA GLU D 140 15.63 14.94 6.25
C GLU D 140 15.28 14.65 7.72
N PRO D 141 15.19 15.65 8.63
CA PRO D 141 14.60 15.35 9.96
C PRO D 141 13.16 14.82 9.79
N SER D 142 12.71 14.00 10.75
CA SER D 142 11.39 13.32 10.74
C SER D 142 10.60 13.51 12.03
N VAL D 143 9.28 13.30 11.99
CA VAL D 143 8.43 13.30 13.17
C VAL D 143 7.69 11.97 13.11
N GLU D 144 7.91 11.15 14.13
CA GLU D 144 7.33 9.84 14.29
C GLU D 144 6.06 9.97 15.16
N THR D 145 4.98 9.25 14.80
CA THR D 145 3.72 9.26 15.55
C THR D 145 3.58 7.88 16.24
N LEU D 146 3.49 7.87 17.59
CA LEU D 146 3.46 6.63 18.38
C LEU D 146 2.20 6.45 19.22
N TYR D 147 1.69 5.20 19.27
CA TYR D 147 0.50 4.81 20.04
C TYR D 147 0.55 3.32 20.36
N VAL D 148 -0.08 2.90 21.46
CA VAL D 148 -0.08 1.49 21.82
C VAL D 148 -1.12 0.67 21.02
N ARG D 149 -0.75 -0.59 20.74
CA ARG D 149 -1.58 -1.57 20.01
C ARG D 149 -1.19 -2.94 20.59
N ASP D 150 -2.13 -3.62 21.25
CA ASP D 150 -1.89 -4.95 21.84
C ASP D 150 -0.73 -4.96 22.86
N GLY D 151 -0.61 -3.90 23.67
CA GLY D 151 0.44 -3.81 24.67
C GLY D 151 1.82 -3.50 24.14
N MET D 152 1.96 -3.31 22.81
CA MET D 152 3.21 -2.96 22.13
C MET D 152 3.12 -1.50 21.71
N LEU D 153 4.25 -0.85 21.34
CA LEU D 153 4.20 0.53 20.90
C LEU D 153 4.35 0.63 19.37
N LYS D 154 3.23 0.93 18.68
CA LYS D 154 3.22 1.10 17.22
C LYS D 154 3.66 2.50 16.80
N SER D 155 4.21 2.66 15.58
CA SER D 155 4.60 3.97 15.08
C SER D 155 4.57 4.11 13.56
N ASP D 156 4.39 5.36 13.12
CA ASP D 156 4.32 5.72 11.71
C ASP D 156 5.16 6.95 11.47
N THR D 157 6.05 6.85 10.50
CA THR D 157 6.91 7.99 10.11
C THR D 157 6.98 8.06 8.59
N ALA D 158 6.78 9.21 8.01
CA ALA D 158 7.01 9.45 6.59
C ALA D 158 8.46 9.87 6.60
N MET D 159 9.35 8.94 6.33
CA MET D 159 10.82 9.19 6.32
C MET D 159 11.22 9.68 4.94
N VAL D 160 11.47 10.95 4.77
CA VAL D 160 11.75 11.55 3.48
C VAL D 160 13.25 11.85 3.33
N PHE D 161 13.89 11.24 2.31
CA PHE D 161 15.28 11.51 2.04
C PHE D 161 15.42 12.54 0.92
N LYS D 162 16.55 13.28 0.96
CA LYS D 162 16.91 14.33 0.00
C LYS D 162 17.68 13.67 -1.14
N LEU D 163 17.34 13.97 -2.38
CA LEU D 163 18.07 13.44 -3.52
C LEU D 163 19.22 14.41 -3.85
N LYS D 164 20.35 13.87 -4.36
CA LYS D 164 21.47 14.71 -4.82
C LYS D 164 20.95 15.37 -6.10
N GLY D 165 21.00 16.69 -6.16
CA GLY D 165 20.40 17.44 -7.26
C GLY D 165 19.00 17.97 -6.96
N GLY D 166 18.54 17.79 -5.71
CA GLY D 166 17.28 18.33 -5.26
C GLY D 166 16.13 17.36 -5.44
N GLY D 167 15.06 17.62 -4.70
CA GLY D 167 13.90 16.75 -4.72
C GLY D 167 13.95 15.81 -3.55
N HIS D 168 12.78 15.17 -3.29
CA HIS D 168 12.61 14.28 -2.16
C HIS D 168 11.94 12.97 -2.54
N HIS D 169 12.10 11.98 -1.68
CA HIS D 169 11.51 10.66 -1.92
C HIS D 169 11.07 10.13 -0.54
N ARG D 170 9.80 9.78 -0.43
CA ARG D 170 9.20 9.32 0.80
C ARG D 170 9.30 7.80 0.96
N VAL D 171 9.66 7.36 2.17
CA VAL D 171 9.72 5.97 2.59
C VAL D 171 8.78 5.83 3.82
N ASP D 172 7.66 5.10 3.67
CA ASP D 172 6.75 4.89 4.79
C ASP D 172 7.33 3.85 5.74
N PHE D 173 7.64 4.27 6.98
CA PHE D 173 8.14 3.39 8.04
C PHE D 173 7.01 2.99 9.00
N LYS D 174 6.66 1.70 9.09
CA LYS D 174 5.69 1.19 10.08
C LYS D 174 6.55 0.39 11.03
N THR D 175 6.68 0.84 12.29
CA THR D 175 7.53 0.17 13.29
C THR D 175 6.68 -0.33 14.47
N THR D 176 7.09 -1.46 15.09
CA THR D 176 6.48 -1.97 16.31
C THR D 176 7.60 -2.18 17.29
N TYR D 177 7.54 -1.51 18.46
CA TYR D 177 8.51 -1.71 19.56
C TYR D 177 7.86 -2.74 20.51
N LYS D 178 8.63 -3.75 20.91
CA LYS D 178 8.14 -4.86 21.74
C LYS D 178 9.01 -5.10 22.97
N ALA D 179 8.58 -4.56 24.12
CA ALA D 179 9.29 -4.77 25.38
C ALA D 179 9.15 -6.24 25.78
N LYS D 180 10.22 -6.86 26.35
CA LYS D 180 10.17 -8.27 26.75
C LYS D 180 9.30 -8.49 27.98
N LYS D 181 9.22 -7.52 28.90
CA LYS D 181 8.36 -7.60 30.10
C LYS D 181 7.33 -6.43 30.05
N PRO D 182 6.09 -6.53 30.61
CA PRO D 182 5.18 -5.38 30.54
C PRO D 182 5.74 -4.13 31.22
N VAL D 183 5.53 -2.95 30.60
CA VAL D 183 6.01 -1.67 31.12
C VAL D 183 4.84 -0.67 31.21
N LYS D 184 5.05 0.52 31.82
CA LYS D 184 4.02 1.56 31.88
C LYS D 184 3.91 2.10 30.44
N LEU D 185 2.77 1.87 29.81
CA LEU D 185 2.56 2.26 28.43
C LEU D 185 2.29 3.75 28.31
N PRO D 186 2.84 4.44 27.28
CA PRO D 186 2.56 5.87 27.14
C PRO D 186 1.29 6.13 26.33
N GLU D 187 0.73 7.33 26.49
CA GLU D 187 -0.40 7.75 25.68
C GLU D 187 0.17 8.20 24.30
N PHE D 188 -0.72 8.40 23.31
CA PHE D 188 -0.37 8.84 21.96
C PHE D 188 0.55 10.08 22.00
N HIS D 189 1.69 10.05 21.29
CA HIS D 189 2.64 11.15 21.29
C HIS D 189 3.54 11.13 20.03
N PHE D 190 4.43 12.13 19.90
CA PHE D 190 5.32 12.28 18.77
C PHE D 190 6.79 12.22 19.23
N VAL D 191 7.69 11.90 18.31
CA VAL D 191 9.13 11.91 18.58
C VAL D 191 9.78 12.59 17.39
N GLU D 192 10.49 13.71 17.64
CA GLU D 192 11.26 14.44 16.63
C GLU D 192 12.55 13.65 16.41
N HIS D 193 12.94 13.40 15.16
CA HIS D 193 14.21 12.68 14.84
C HIS D 193 15.07 13.46 13.83
N ARG D 194 16.39 13.47 14.04
CA ARG D 194 17.32 14.05 13.08
C ARG D 194 18.52 13.12 13.02
N LEU D 195 18.55 12.25 12.02
CA LEU D 195 19.64 11.29 11.80
C LEU D 195 20.56 11.84 10.73
N GLU D 196 21.87 11.92 10.99
CA GLU D 196 22.85 12.48 10.09
C GLU D 196 24.06 11.56 9.96
N LEU D 197 24.55 11.36 8.71
CA LEU D 197 25.76 10.59 8.41
C LEU D 197 26.83 11.70 8.24
N THR D 198 27.70 11.87 9.24
CA THR D 198 28.64 12.99 9.27
C THR D 198 30.02 12.77 8.66
N LYS D 199 30.53 11.53 8.63
CA LYS D 199 31.86 11.26 8.09
C LYS D 199 31.93 9.86 7.51
N HIS D 200 32.82 9.62 6.54
CA HIS D 200 32.94 8.32 5.88
C HIS D 200 34.18 8.21 4.99
N ASP D 201 34.59 6.97 4.67
CA ASP D 201 35.65 6.75 3.69
C ASP D 201 34.98 6.74 2.27
N LYS D 202 35.77 6.93 1.19
CA LYS D 202 35.22 7.11 -0.16
C LYS D 202 34.08 6.16 -0.58
N ASP D 203 34.21 4.85 -0.29
CA ASP D 203 33.20 3.85 -0.73
C ASP D 203 32.26 3.40 0.40
N PHE D 204 32.17 4.17 1.49
CA PHE D 204 31.26 3.87 2.59
C PHE D 204 31.45 2.46 3.19
N THR D 205 32.71 2.03 3.35
CA THR D 205 32.99 0.78 4.07
C THR D 205 32.96 1.10 5.60
N THR D 206 33.27 2.34 6.01
CA THR D 206 33.13 2.81 7.38
C THR D 206 32.48 4.19 7.34
N TRP D 207 31.75 4.55 8.40
CA TRP D 207 31.12 5.86 8.49
C TRP D 207 30.65 6.16 9.91
N ASP D 208 30.39 7.43 10.18
CA ASP D 208 29.90 7.89 11.47
C ASP D 208 28.47 8.39 11.26
N GLN D 209 27.58 7.93 12.15
CA GLN D 209 26.13 8.27 12.13
C GLN D 209 25.79 8.84 13.49
N GLN D 210 24.89 9.79 13.57
CA GLN D 210 24.42 10.29 14.88
C GLN D 210 22.92 10.53 14.78
N GLU D 211 22.26 10.76 15.92
CA GLU D 211 20.80 10.95 15.96
C GLU D 211 20.36 11.74 17.17
N ALA D 212 19.50 12.73 16.98
CA ALA D 212 18.88 13.51 18.04
C ALA D 212 17.38 13.10 18.01
N ALA D 213 16.81 12.73 19.19
CA ALA D 213 15.42 12.30 19.27
C ALA D 213 14.76 12.82 20.55
N GLU D 214 13.58 13.46 20.46
CA GLU D 214 12.90 13.91 21.67
C GLU D 214 11.37 13.83 21.51
N GLY D 215 10.76 13.12 22.46
CA GLY D 215 9.34 12.84 22.56
C GLY D 215 8.57 14.00 23.12
N HIS D 216 7.32 14.13 22.70
CA HIS D 216 6.44 15.21 23.19
C HIS D 216 5.02 15.02 22.70
N PHE D 217 4.09 15.57 23.45
CA PHE D 217 2.69 15.65 23.05
C PHE D 217 2.60 16.84 22.06
N SER D 218 1.44 17.02 21.41
CA SER D 218 1.27 18.15 20.49
C SER D 218 1.39 19.47 21.25
N PRO D 219 2.10 20.46 20.70
CA PRO D 219 2.19 21.76 21.39
C PRO D 219 0.90 22.61 21.27
N LEU D 220 -0.05 22.21 20.38
CA LEU D 220 -1.26 22.97 20.13
C LEU D 220 -2.28 22.79 21.25
N PRO D 221 -2.92 23.87 21.72
CA PRO D 221 -3.93 23.71 22.78
C PRO D 221 -5.27 23.14 22.27
N LYS D 222 -6.06 22.52 23.18
CA LYS D 222 -7.36 21.94 22.86
C LYS D 222 -8.46 23.02 22.90
#